data_8D6G
#
_entry.id   8D6G
#
_cell.length_a   229.046
_cell.length_b   229.046
_cell.length_c   67.428
_cell.angle_alpha   90.000
_cell.angle_beta   90.000
_cell.angle_gamma   120.000
#
_symmetry.space_group_name_H-M   'H 3'
#
loop_
_entity.id
_entity.type
_entity.pdbx_description
1 polymer Saxiphilin
2 non-polymer 'PENTAETHYLENE GLYCOL'
3 water water
#
_entity_poly.entity_id   1
_entity_poly.type   'polypeptide(L)'
_entity_poly.pdbx_seq_one_letter_code
;MALTFHTALYFTIVGLSFAASDARHVQWCTISHLEQKKCNDLVGSCNVPDITLACVYRSSTENCMAAIKDGQADAMFLDS
GDVYKASLDHYNLKPIIAEPYSLHRELTKCLKHRQESLGGDKMVKGRYIPQCDEKGNYHPVQCHASTGYCWCVNANGEKI
EGTNTTPVQTPPTCPSQVLTKCLKERQEALGGKRIAIGRYIPQCDEQGNYRPMQCHGSTGYCWCVNAIGEKIEGTNTPPG
NTQPTCQSHDWDTCHYAVAVVKNSSTFQFGQLKGKRSCHSGLSKTDGWNAPVNVFVEKKLLPWDGLAKGSIERAVSKFFS
ASCIPGATETNLCKQCIGEEEKKCKSSHDEPYYGDHGAFRCLQEDKGDVAFLKNTALPDEHSGVYELLCPDNTRKPLNKY
KECNLGKVPADAVVTRKAGDKTKDINDFLLEAQKKKCKLFGSPHGKDLMFDDSTTHLAPLPSEIDAFFFLGVKWYNAMKA
LTEDVKLPSKNKVRWCTINKPEMMKCKDWAAVSGGAIACTEASCPEHCVKQILKGEADAVTLDVQYMYMALMCGLLPAVE
EYPNKDDFHPCQIPGSTIKDFGTKRAVALVKKSNKDIKWNNLKGKKSCHTHVGDIPGWVIPAGLISNQNDNIDIESFFGE
SCAPGSDTNSKLCKLCIGDPENPKASTRCSLSDKEAYYGNEGAFRCLVEKGDVAFVPHTVVFANTDGKNPAEWAKDLKSE
DFEILCLDGSRAPVTNYRGCNLSGLPPRAIVTREESVSDVVRILINQQSLYGRNGFEKDMFQMFSSAKGQNLLFNDETQC
LIEFDRQPKDIMEDYFGVRYYTAVYSASRSAVPSELIPACTFKHCSNSLEVLFQ
;
_entity_poly.pdbx_strand_id   A
#
# COMPACT_ATOMS: atom_id res chain seq x y z
N ARG A 24 29.30 -8.48 11.00
CA ARG A 24 27.88 -8.67 10.73
C ARG A 24 27.60 -10.09 10.26
N HIS A 25 26.52 -10.67 10.80
CA HIS A 25 26.14 -12.04 10.52
C HIS A 25 24.67 -12.12 10.15
N VAL A 26 24.34 -13.09 9.32
CA VAL A 26 22.96 -13.49 9.07
C VAL A 26 22.91 -14.99 9.27
N GLN A 27 22.07 -15.46 10.19
CA GLN A 27 21.92 -16.88 10.46
C GLN A 27 20.66 -17.40 9.76
N TRP A 28 20.83 -18.23 8.74
CA TRP A 28 19.70 -18.77 8.02
C TRP A 28 19.22 -20.08 8.65
N CYS A 29 17.90 -20.22 8.81
CA CYS A 29 17.34 -21.46 9.36
C CYS A 29 16.97 -22.41 8.23
N THR A 30 17.59 -23.60 8.23
CA THR A 30 17.26 -24.66 7.28
C THR A 30 16.43 -25.75 7.95
N ILE A 31 15.63 -26.46 7.14
CA ILE A 31 14.66 -27.43 7.64
C ILE A 31 15.01 -28.86 7.27
N SER A 32 16.13 -29.07 6.60
CA SER A 32 16.45 -30.41 6.12
C SER A 32 17.96 -30.53 5.95
N HIS A 33 18.42 -31.77 5.87
CA HIS A 33 19.82 -32.02 5.57
C HIS A 33 20.20 -31.46 4.21
N LEU A 34 19.37 -31.73 3.18
CA LEU A 34 19.64 -31.18 1.85
C LEU A 34 19.73 -29.66 1.87
N GLU A 35 18.77 -28.99 2.52
CA GLU A 35 18.77 -27.54 2.56
C GLU A 35 19.99 -27.02 3.29
N GLN A 36 20.28 -27.61 4.46
CA GLN A 36 21.46 -27.20 5.23
C GLN A 36 22.72 -27.34 4.38
N LYS A 37 22.85 -28.45 3.67
CA LYS A 37 23.97 -28.64 2.76
C LYS A 37 24.04 -27.53 1.71
N LYS A 38 22.92 -27.23 1.05
CA LYS A 38 22.93 -26.14 0.07
C LYS A 38 23.32 -24.82 0.75
N CYS A 39 22.72 -24.51 1.91
CA CYS A 39 23.07 -23.28 2.61
C CYS A 39 24.55 -23.27 2.98
N ASN A 40 25.10 -24.44 3.33
CA ASN A 40 26.53 -24.55 3.59
C ASN A 40 27.36 -24.25 2.35
N ASP A 41 26.97 -24.77 1.20
CA ASP A 41 27.68 -24.42 -0.03
C ASP A 41 27.75 -22.92 -0.24
N LEU A 42 26.63 -22.23 0.02
CA LEU A 42 26.62 -20.78 -0.19
C LEU A 42 27.57 -20.07 0.75
N VAL A 43 27.69 -20.54 2.00
CA VAL A 43 28.65 -19.93 2.93
C VAL A 43 30.04 -19.89 2.28
N GLY A 44 30.43 -20.96 1.61
CA GLY A 44 31.64 -20.95 0.84
C GLY A 44 31.58 -20.16 -0.45
N SER A 45 30.62 -20.48 -1.32
CA SER A 45 30.69 -19.98 -2.69
C SER A 45 30.30 -18.52 -2.82
N CYS A 46 29.53 -17.98 -1.89
CA CYS A 46 28.97 -16.64 -2.03
C CYS A 46 29.70 -15.68 -1.09
N ASN A 47 30.51 -14.81 -1.66
CA ASN A 47 31.33 -13.91 -0.86
C ASN A 47 30.73 -12.51 -0.90
N VAL A 48 30.02 -12.18 0.17
CA VAL A 48 29.48 -10.84 0.36
C VAL A 48 30.36 -10.14 1.40
N PRO A 49 31.05 -9.06 1.03
CA PRO A 49 31.84 -8.33 2.03
C PRO A 49 30.92 -7.73 3.09
N ASP A 50 31.43 -7.71 4.31
CA ASP A 50 30.77 -7.01 5.41
C ASP A 50 29.73 -7.87 6.10
N ILE A 51 29.16 -8.85 5.40
CA ILE A 51 28.13 -9.70 5.96
C ILE A 51 28.53 -11.15 5.73
N THR A 52 28.49 -11.94 6.78
CA THR A 52 28.78 -13.36 6.67
C THR A 52 27.51 -14.15 6.92
N LEU A 53 27.28 -15.16 6.09
CA LEU A 53 26.16 -16.04 6.25
C LEU A 53 26.54 -17.23 7.11
N ALA A 54 25.57 -17.74 7.88
CA ALA A 54 25.75 -19.02 8.57
C ALA A 54 24.44 -19.78 8.52
N CYS A 55 24.52 -21.09 8.76
CA CYS A 55 23.39 -21.98 8.55
C CYS A 55 23.09 -22.77 9.81
N VAL A 56 21.83 -22.74 10.24
CA VAL A 56 21.37 -23.36 11.48
C VAL A 56 20.32 -24.40 11.13
N TYR A 57 20.58 -25.67 11.46
CA TYR A 57 19.64 -26.74 11.12
C TYR A 57 18.56 -26.89 12.17
N ARG A 58 17.35 -27.16 11.70
CA ARG A 58 16.25 -27.63 12.53
C ARG A 58 15.44 -28.63 11.72
N SER A 59 14.63 -29.42 12.40
CA SER A 59 14.07 -30.59 11.76
C SER A 59 12.81 -30.32 10.95
N SER A 60 12.20 -29.13 11.09
CA SER A 60 10.95 -28.85 10.41
C SER A 60 10.75 -27.34 10.28
N THR A 61 9.83 -26.97 9.39
CA THR A 61 9.44 -25.58 9.22
C THR A 61 9.05 -24.94 10.57
N GLU A 62 8.24 -25.63 11.38
CA GLU A 62 7.81 -25.05 12.65
C GLU A 62 8.96 -24.88 13.62
N ASN A 63 9.87 -25.86 13.70
CA ASN A 63 10.99 -25.69 14.62
C ASN A 63 11.85 -24.51 14.19
N CYS A 64 11.96 -24.24 12.88
CA CYS A 64 12.71 -23.07 12.42
C CYS A 64 11.98 -21.77 12.76
N MET A 65 10.66 -21.75 12.60
CA MET A 65 9.91 -20.57 13.05
C MET A 65 10.23 -20.24 14.51
N ALA A 66 10.17 -21.27 15.38
CA ALA A 66 10.51 -21.09 16.78
C ALA A 66 11.97 -20.64 16.97
N ALA A 67 12.90 -21.23 16.20
CA ALA A 67 14.29 -20.79 16.27
C ALA A 67 14.43 -19.30 15.98
N ILE A 68 13.71 -18.79 14.98
CA ILE A 68 13.82 -17.39 14.63
C ILE A 68 13.20 -16.53 15.72
N LYS A 69 12.02 -16.92 16.21
CA LYS A 69 11.43 -16.23 17.35
C LYS A 69 12.40 -16.15 18.53
N ASP A 70 13.08 -17.25 18.83
CA ASP A 70 13.98 -17.31 19.99
C ASP A 70 15.35 -16.71 19.72
N GLY A 71 15.62 -16.23 18.52
CA GLY A 71 16.95 -15.69 18.22
C GLY A 71 18.01 -16.72 17.88
N GLN A 72 17.64 -18.01 17.79
CA GLN A 72 18.59 -19.03 17.33
C GLN A 72 18.98 -18.83 15.87
N ALA A 73 18.11 -18.18 15.09
CA ALA A 73 18.38 -17.89 13.69
C ALA A 73 17.68 -16.57 13.38
N ASP A 74 17.88 -16.08 12.16
CA ASP A 74 17.40 -14.76 11.76
C ASP A 74 16.38 -14.76 10.63
N ALA A 75 16.42 -15.74 9.72
CA ALA A 75 15.63 -15.64 8.50
C ALA A 75 15.37 -17.04 7.94
N MET A 76 14.20 -17.21 7.31
CA MET A 76 13.97 -18.33 6.42
C MET A 76 12.98 -17.88 5.36
N PHE A 77 12.81 -18.73 4.35
CA PHE A 77 11.82 -18.53 3.30
C PHE A 77 10.60 -19.38 3.60
N LEU A 78 9.41 -18.77 3.59
CA LEU A 78 8.20 -19.50 3.94
C LEU A 78 7.15 -19.44 2.84
N ASP A 79 6.46 -20.57 2.65
CA ASP A 79 5.23 -20.57 1.89
C ASP A 79 4.25 -19.57 2.48
N SER A 80 3.44 -18.94 1.60
CA SER A 80 2.45 -17.98 2.07
C SER A 80 1.59 -18.55 3.20
N GLY A 81 1.30 -19.85 3.16
CA GLY A 81 0.51 -20.44 4.23
C GLY A 81 1.21 -20.33 5.58
N ASP A 82 2.52 -20.58 5.59
CA ASP A 82 3.30 -20.44 6.82
C ASP A 82 3.58 -18.98 7.16
N VAL A 83 3.67 -18.09 6.16
CA VAL A 83 3.75 -16.68 6.48
C VAL A 83 2.59 -16.28 7.38
N TYR A 84 1.40 -16.78 7.06
CA TYR A 84 0.23 -16.46 7.87
C TYR A 84 0.37 -17.09 9.25
N LYS A 85 0.66 -18.39 9.30
CA LYS A 85 0.82 -19.05 10.60
C LYS A 85 1.88 -18.34 11.44
N ALA A 86 2.96 -17.87 10.80
CA ALA A 86 4.08 -17.29 11.53
C ALA A 86 3.73 -15.93 12.11
N SER A 87 2.80 -15.22 11.48
CA SER A 87 2.41 -13.89 11.92
C SER A 87 1.63 -13.91 13.24
N LEU A 88 1.15 -15.07 13.67
CA LEU A 88 0.39 -15.19 14.89
C LEU A 88 1.29 -15.11 16.12
N ASP A 89 0.66 -14.87 17.28
CA ASP A 89 1.40 -14.53 18.49
C ASP A 89 2.37 -15.60 18.94
N HIS A 90 2.13 -16.87 18.58
CA HIS A 90 3.06 -17.92 18.97
C HIS A 90 4.47 -17.67 18.42
N TYR A 91 4.59 -17.04 17.25
CA TYR A 91 5.90 -16.88 16.61
C TYR A 91 6.26 -15.43 16.34
N ASN A 92 5.29 -14.60 15.97
CA ASN A 92 5.51 -13.17 15.78
C ASN A 92 6.60 -12.89 14.76
N LEU A 93 6.48 -13.51 13.58
CA LEU A 93 7.35 -13.23 12.44
C LEU A 93 6.59 -12.43 11.40
N LYS A 94 7.34 -11.77 10.51
CA LYS A 94 6.74 -10.95 9.47
C LYS A 94 7.49 -11.14 8.16
N PRO A 95 6.79 -11.06 7.02
CA PRO A 95 7.48 -11.08 5.72
C PRO A 95 8.25 -9.78 5.50
N ILE A 96 9.47 -9.91 4.96
CA ILE A 96 10.29 -8.75 4.67
C ILE A 96 10.79 -8.71 3.23
N ILE A 97 10.93 -9.87 2.59
CA ILE A 97 11.52 -9.94 1.25
C ILE A 97 10.76 -10.95 0.42
N ALA A 98 10.51 -10.61 -0.86
CA ALA A 98 9.74 -11.49 -1.73
C ALA A 98 9.99 -11.13 -3.19
N GLU A 99 9.64 -12.06 -4.08
CA GLU A 99 9.76 -11.78 -5.52
C GLU A 99 8.62 -10.89 -5.98
N PRO A 100 8.91 -9.76 -6.65
CA PRO A 100 7.84 -8.91 -7.18
C PRO A 100 7.00 -9.65 -8.20
N TYR A 101 5.70 -9.42 -8.16
CA TYR A 101 4.81 -9.97 -9.18
C TYR A 101 3.94 -8.84 -9.72
N SER A 102 3.09 -9.20 -10.69
CA SER A 102 2.29 -8.26 -11.46
C SER A 102 0.95 -8.93 -11.75
N LEU A 103 -0.13 -8.15 -11.72
CA LEU A 103 -1.49 -8.67 -11.93
C LEU A 103 -2.00 -8.43 -13.36
N HIS A 104 -1.77 -7.24 -13.91
CA HIS A 104 -2.16 -6.90 -15.26
C HIS A 104 -1.20 -5.83 -15.75
N ARG A 105 -1.26 -5.55 -17.05
CA ARG A 105 -0.41 -4.52 -17.59
C ARG A 105 -0.96 -3.16 -17.17
N GLU A 106 -0.07 -2.25 -16.86
CA GLU A 106 -0.42 -0.94 -16.35
C GLU A 106 0.22 0.11 -17.25
N LEU A 107 -0.39 1.29 -17.27
CA LEU A 107 0.25 2.47 -17.84
C LEU A 107 1.67 2.59 -17.30
N THR A 108 2.56 3.16 -18.11
CA THR A 108 3.88 3.50 -17.59
C THR A 108 3.77 4.65 -16.60
N LYS A 109 4.77 4.73 -15.72
CA LYS A 109 4.79 5.77 -14.70
C LYS A 109 4.76 7.16 -15.32
N CYS A 110 5.59 7.41 -16.33
CA CYS A 110 5.63 8.74 -16.95
C CYS A 110 4.29 9.13 -17.55
N LEU A 111 3.61 8.19 -18.23
CA LEU A 111 2.34 8.54 -18.86
C LEU A 111 1.25 8.74 -17.82
N LYS A 112 1.24 7.90 -16.79
CA LYS A 112 0.37 8.13 -15.62
C LYS A 112 0.61 9.52 -15.04
N HIS A 113 1.87 9.82 -14.72
CA HIS A 113 2.22 11.13 -14.19
C HIS A 113 1.73 12.25 -15.10
N ARG A 114 1.95 12.12 -16.42
CA ARG A 114 1.48 13.16 -17.36
C ARG A 114 -0.03 13.34 -17.24
N GLN A 115 -0.78 12.25 -17.31
CA GLN A 115 -2.24 12.32 -17.23
C GLN A 115 -2.67 13.01 -15.93
N GLU A 116 -2.09 12.63 -14.79
CA GLU A 116 -2.48 13.22 -13.50
C GLU A 116 -2.22 14.72 -13.48
N SER A 117 -1.01 15.12 -13.87
CA SER A 117 -0.70 16.54 -13.78
C SER A 117 -1.54 17.35 -14.74
N LEU A 118 -1.89 16.78 -15.90
CA LEU A 118 -2.76 17.49 -16.83
C LEU A 118 -4.19 17.59 -16.32
N GLY A 119 -4.62 16.67 -15.47
CA GLY A 119 -5.92 16.74 -14.85
C GLY A 119 -6.02 17.62 -13.62
N GLY A 120 -4.93 18.27 -13.22
CA GLY A 120 -4.97 19.15 -12.07
C GLY A 120 -5.74 20.41 -12.36
N ASP A 121 -5.92 21.21 -11.30
CA ASP A 121 -6.68 22.45 -11.38
C ASP A 121 -5.97 23.44 -12.30
N LYS A 122 -6.58 23.75 -13.44
CA LYS A 122 -5.93 24.62 -14.41
C LYS A 122 -5.71 26.03 -13.87
N MET A 123 -6.44 26.43 -12.82
CA MET A 123 -6.18 27.73 -12.21
C MET A 123 -4.85 27.75 -11.45
N VAL A 124 -4.25 26.59 -11.18
CA VAL A 124 -2.91 26.54 -10.63
C VAL A 124 -1.96 26.50 -11.83
N LYS A 125 -1.42 27.65 -12.20
CA LYS A 125 -0.62 27.79 -13.40
C LYS A 125 0.84 27.38 -13.14
N GLY A 126 1.55 27.05 -14.21
CA GLY A 126 2.98 26.83 -14.12
C GLY A 126 3.43 25.55 -13.45
N ARG A 127 2.63 24.49 -13.55
CA ARG A 127 3.00 23.23 -12.90
C ARG A 127 3.84 22.38 -13.84
N TYR A 128 4.71 21.55 -13.24
CA TYR A 128 5.56 20.66 -14.01
C TYR A 128 4.74 19.55 -14.65
N ILE A 129 4.90 19.37 -15.95
CA ILE A 129 4.30 18.28 -16.73
C ILE A 129 5.45 17.42 -17.26
N PRO A 130 5.54 16.14 -16.87
CA PRO A 130 6.69 15.31 -17.29
C PRO A 130 6.78 15.18 -18.80
N GLN A 131 7.99 14.94 -19.29
CA GLN A 131 8.25 14.65 -20.69
C GLN A 131 8.55 13.16 -20.85
N CYS A 132 7.68 12.45 -21.57
CA CYS A 132 7.84 11.03 -21.83
C CYS A 132 8.36 10.80 -23.25
N ASP A 133 9.03 9.66 -23.44
CA ASP A 133 9.63 9.31 -24.72
C ASP A 133 8.74 8.31 -25.47
N GLU A 134 9.23 7.85 -26.62
CA GLU A 134 8.42 7.08 -27.55
C GLU A 134 8.00 5.72 -26.98
N LYS A 135 8.65 5.27 -25.90
CA LYS A 135 8.28 4.07 -25.18
C LYS A 135 7.42 4.36 -23.96
N GLY A 136 7.14 5.64 -23.68
CA GLY A 136 6.39 6.00 -22.49
C GLY A 136 7.21 6.19 -21.24
N ASN A 137 8.53 6.05 -21.31
CA ASN A 137 9.38 6.31 -20.16
C ASN A 137 9.72 7.79 -20.03
N TYR A 138 10.29 8.15 -18.88
CA TYR A 138 10.77 9.51 -18.67
C TYR A 138 12.02 9.72 -19.50
N HIS A 139 12.03 10.75 -20.33
CA HIS A 139 13.31 11.27 -20.79
C HIS A 139 14.20 11.48 -19.57
N PRO A 140 15.47 11.06 -19.62
CA PRO A 140 16.34 11.26 -18.46
C PRO A 140 16.50 12.71 -18.07
N VAL A 141 16.43 13.64 -19.04
CA VAL A 141 16.42 15.08 -18.76
C VAL A 141 14.97 15.50 -18.62
N GLN A 142 14.62 16.06 -17.48
CA GLN A 142 13.28 16.62 -17.24
C GLN A 142 13.40 18.12 -17.05
N CYS A 143 12.41 18.87 -17.54
CA CYS A 143 12.46 20.31 -17.50
C CYS A 143 11.10 20.87 -17.10
N HIS A 144 11.15 22.04 -16.49
CA HIS A 144 9.98 22.71 -15.97
C HIS A 144 9.77 23.95 -16.83
N ALA A 145 8.75 23.91 -17.69
CA ALA A 145 8.59 24.92 -18.73
C ALA A 145 8.59 26.33 -18.14
N SER A 146 7.72 26.58 -17.17
CA SER A 146 7.51 27.93 -16.65
C SER A 146 8.74 28.47 -15.92
N THR A 147 9.63 27.63 -15.42
CA THR A 147 10.80 28.13 -14.71
C THR A 147 12.10 27.96 -15.50
N GLY A 148 12.11 27.21 -16.60
CA GLY A 148 13.34 26.97 -17.33
C GLY A 148 14.36 26.11 -16.63
N TYR A 149 13.99 25.47 -15.51
CA TYR A 149 14.87 24.56 -14.80
C TYR A 149 14.82 23.16 -15.40
N CYS A 150 15.97 22.49 -15.43
CA CYS A 150 16.07 21.09 -15.84
C CYS A 150 16.88 20.31 -14.80
N TRP A 151 16.67 19.00 -14.77
CA TRP A 151 17.37 18.10 -13.85
C TRP A 151 17.32 16.69 -14.45
N CYS A 152 18.10 15.79 -13.85
CA CYS A 152 18.11 14.38 -14.23
C CYS A 152 17.14 13.60 -13.34
N VAL A 153 16.62 12.49 -13.87
CA VAL A 153 15.70 11.63 -13.14
C VAL A 153 16.16 10.19 -13.24
N ASN A 154 15.74 9.38 -12.25
CA ASN A 154 15.84 7.93 -12.35
C ASN A 154 14.66 7.38 -13.16
N ALA A 155 14.64 6.06 -13.37
CA ALA A 155 13.58 5.45 -14.17
C ALA A 155 12.19 5.80 -13.64
N ASN A 156 12.08 6.05 -12.33
CA ASN A 156 10.80 6.38 -11.70
C ASN A 156 10.44 7.86 -11.82
N GLY A 157 11.26 8.66 -12.49
CA GLY A 157 10.96 10.07 -12.66
C GLY A 157 11.25 10.92 -11.44
N GLU A 158 12.01 10.40 -10.49
CA GLU A 158 12.37 11.17 -9.31
C GLU A 158 13.69 11.91 -9.54
N LYS A 159 13.70 13.20 -9.20
CA LYS A 159 14.88 14.04 -9.36
C LYS A 159 16.11 13.41 -8.73
N ILE A 160 17.18 13.28 -9.53
CA ILE A 160 18.52 13.07 -8.98
C ILE A 160 18.94 14.37 -8.32
N GLU A 161 18.85 14.44 -6.99
CA GLU A 161 19.11 15.70 -6.30
C GLU A 161 20.51 16.21 -6.62
N GLY A 162 20.62 17.52 -6.79
CA GLY A 162 21.91 18.12 -7.12
C GLY A 162 22.25 18.15 -8.59
N THR A 163 21.29 17.94 -9.48
CA THR A 163 21.51 18.05 -10.92
C THR A 163 20.71 19.21 -11.51
N ASN A 164 20.02 20.00 -10.69
CA ASN A 164 19.29 21.17 -11.17
C ASN A 164 20.22 22.09 -11.97
N THR A 165 19.80 22.45 -13.17
CA THR A 165 20.45 23.48 -13.97
C THR A 165 19.43 24.53 -14.31
N THR A 166 19.82 25.81 -14.20
CA THR A 166 18.90 26.94 -14.41
C THR A 166 18.82 27.27 -15.89
N PRO A 167 17.87 28.15 -16.28
CA PRO A 167 17.66 28.40 -17.72
C PRO A 167 18.84 29.08 -18.39
N VAL A 168 19.66 29.82 -17.64
CA VAL A 168 20.83 30.48 -18.21
C VAL A 168 21.87 29.46 -18.69
N GLN A 169 21.88 28.26 -18.11
CA GLN A 169 22.75 27.18 -18.55
C GLN A 169 22.01 26.25 -19.50
N THR A 170 22.76 25.44 -20.22
CA THR A 170 22.18 24.42 -21.08
C THR A 170 21.72 23.24 -20.25
N PRO A 171 20.90 22.35 -20.83
CA PRO A 171 20.33 21.27 -20.02
C PRO A 171 21.41 20.31 -19.57
N PRO A 172 21.26 19.72 -18.37
CA PRO A 172 22.32 18.85 -17.86
C PRO A 172 22.50 17.63 -18.76
N THR A 173 23.63 16.97 -18.59
CA THR A 173 23.87 15.71 -19.27
C THR A 173 23.53 14.59 -18.29
N CYS A 174 22.56 13.77 -18.68
CA CYS A 174 22.01 12.80 -17.76
C CYS A 174 22.26 11.39 -18.25
N PRO A 175 22.66 10.48 -17.35
CA PRO A 175 22.89 9.09 -17.76
C PRO A 175 21.64 8.49 -18.39
N SER A 176 21.86 7.61 -19.36
CA SER A 176 20.74 6.95 -20.02
C SER A 176 19.96 6.10 -19.03
N GLN A 177 18.68 5.87 -19.34
CA GLN A 177 17.84 5.08 -18.45
C GLN A 177 18.32 3.63 -18.40
N VAL A 178 18.06 2.98 -17.27
CA VAL A 178 18.37 1.57 -17.11
C VAL A 178 17.59 0.75 -18.15
N LEU A 179 18.23 -0.30 -18.66
CA LEU A 179 17.65 -1.16 -19.69
C LEU A 179 16.49 -1.98 -19.12
N THR A 180 15.62 -2.46 -20.02
CA THR A 180 14.60 -3.42 -19.63
C THR A 180 15.27 -4.72 -19.18
N LYS A 181 14.50 -5.52 -18.43
CA LYS A 181 15.00 -6.83 -18.05
C LYS A 181 15.53 -7.59 -19.27
N CYS A 182 14.74 -7.63 -20.35
CA CYS A 182 15.14 -8.39 -21.53
C CYS A 182 16.43 -7.85 -22.16
N LEU A 183 16.49 -6.53 -22.40
CA LEU A 183 17.69 -5.95 -23.01
C LEU A 183 18.88 -6.02 -22.06
N LYS A 184 18.63 -5.92 -20.76
CA LYS A 184 19.67 -6.11 -19.77
C LYS A 184 20.18 -7.55 -19.78
N GLU A 185 19.25 -8.51 -19.70
CA GLU A 185 19.60 -9.93 -19.77
C GLU A 185 20.29 -10.25 -21.09
N ARG A 186 19.85 -9.60 -22.17
CA ARG A 186 20.52 -9.75 -23.46
C ARG A 186 21.93 -9.17 -23.42
N GLN A 187 22.16 -8.15 -22.61
CA GLN A 187 23.50 -7.56 -22.50
C GLN A 187 24.44 -8.47 -21.69
N GLU A 188 24.00 -8.94 -20.52
CA GLU A 188 24.79 -9.93 -19.78
C GLU A 188 25.18 -11.11 -20.66
N ALA A 189 24.17 -11.79 -21.21
CA ALA A 189 24.41 -12.98 -22.02
C ALA A 189 25.53 -12.74 -23.03
N LEU A 190 25.44 -11.64 -23.79
CA LEU A 190 26.50 -11.31 -24.74
C LEU A 190 27.82 -11.03 -24.03
N GLY A 191 27.79 -10.26 -22.94
CA GLY A 191 28.95 -10.09 -22.09
C GLY A 191 30.17 -9.54 -22.79
N GLY A 192 29.98 -8.69 -23.80
CA GLY A 192 31.08 -8.07 -24.51
C GLY A 192 31.62 -8.86 -25.68
N LYS A 193 30.92 -9.90 -26.12
CA LYS A 193 31.34 -10.87 -27.16
C LYS A 193 31.03 -12.28 -26.68
N ALA A 196 28.21 -15.86 -25.39
CA ALA A 196 27.45 -15.62 -26.62
C ALA A 196 27.13 -16.93 -27.34
N ILE A 197 28.18 -17.65 -27.72
CA ILE A 197 28.04 -18.83 -28.58
C ILE A 197 27.59 -20.02 -27.73
N GLY A 198 26.61 -20.77 -28.25
CA GLY A 198 26.09 -21.96 -27.60
C GLY A 198 25.26 -21.73 -26.35
N ARG A 199 24.98 -20.49 -25.98
CA ARG A 199 24.16 -20.19 -24.81
C ARG A 199 22.89 -19.48 -25.23
N TYR A 200 21.87 -19.56 -24.37
CA TYR A 200 20.61 -18.89 -24.64
C TYR A 200 20.78 -17.37 -24.58
N ILE A 201 20.31 -16.68 -25.61
CA ILE A 201 20.26 -15.22 -25.65
C ILE A 201 18.81 -14.81 -25.82
N PRO A 202 18.22 -14.12 -24.84
CA PRO A 202 16.80 -13.76 -24.96
C PRO A 202 16.53 -12.91 -26.18
N GLN A 203 15.35 -13.10 -26.75
CA GLN A 203 14.88 -12.31 -27.89
C GLN A 203 13.83 -11.32 -27.39
N CYS A 204 14.06 -10.03 -27.65
CA CYS A 204 13.23 -8.93 -27.14
C CYS A 204 12.44 -8.27 -28.28
N ASP A 205 11.28 -7.72 -27.93
CA ASP A 205 10.44 -7.00 -28.89
C ASP A 205 10.83 -5.52 -28.95
N GLU A 206 10.13 -4.76 -29.78
CA GLU A 206 10.44 -3.35 -29.96
C GLU A 206 10.36 -2.58 -28.65
N GLN A 207 9.34 -2.82 -27.84
CA GLN A 207 9.21 -2.11 -26.58
C GLN A 207 10.20 -2.58 -25.51
N GLY A 208 11.07 -3.54 -25.82
CA GLY A 208 12.04 -4.05 -24.86
C GLY A 208 11.51 -5.10 -23.91
N ASN A 209 10.32 -5.62 -24.14
CA ASN A 209 9.81 -6.76 -23.39
C ASN A 209 10.14 -8.06 -24.15
N TYR A 210 9.99 -9.19 -23.45
CA TYR A 210 10.26 -10.48 -24.06
C TYR A 210 9.25 -10.78 -25.16
N ARG A 211 9.75 -11.24 -26.31
CA ARG A 211 8.88 -11.90 -27.27
C ARG A 211 8.19 -13.09 -26.58
N PRO A 212 6.92 -13.35 -26.88
CA PRO A 212 6.25 -14.50 -26.25
C PRO A 212 6.98 -15.82 -26.50
N MET A 213 7.42 -16.07 -27.72
CA MET A 213 8.15 -17.31 -27.99
C MET A 213 9.64 -17.03 -27.91
N GLN A 214 10.34 -17.82 -27.08
CA GLN A 214 11.79 -17.80 -26.96
C GLN A 214 12.34 -19.10 -27.51
N CYS A 215 13.48 -19.02 -28.20
CA CYS A 215 14.14 -20.22 -28.71
C CYS A 215 15.60 -20.20 -28.33
N HIS A 216 16.14 -21.38 -28.06
CA HIS A 216 17.55 -21.54 -27.75
C HIS A 216 18.32 -21.67 -29.07
N GLY A 217 19.29 -20.78 -29.29
CA GLY A 217 19.97 -20.74 -30.57
C GLY A 217 20.93 -21.88 -30.85
N SER A 218 21.13 -22.82 -29.91
CA SER A 218 22.00 -23.97 -30.14
C SER A 218 21.26 -25.30 -30.13
N THR A 219 20.34 -25.47 -29.19
CA THR A 219 19.60 -26.72 -29.04
C THR A 219 18.36 -26.80 -29.92
N GLY A 220 17.87 -25.68 -30.44
CA GLY A 220 16.67 -25.69 -31.23
C GLY A 220 15.37 -25.77 -30.46
N TYR A 221 15.42 -25.84 -29.13
CA TYR A 221 14.21 -25.85 -28.33
C TYR A 221 13.53 -24.50 -28.37
N CYS A 222 12.19 -24.51 -28.24
CA CYS A 222 11.41 -23.28 -28.08
C CYS A 222 10.38 -23.46 -26.97
N TRP A 223 10.01 -22.33 -26.34
CA TRP A 223 9.04 -22.31 -25.26
C TRP A 223 8.44 -20.90 -25.20
N CYS A 224 7.40 -20.74 -24.39
CA CYS A 224 6.78 -19.43 -24.16
C CYS A 224 7.26 -18.82 -22.85
N VAL A 225 7.30 -17.48 -22.83
CA VAL A 225 7.48 -16.71 -21.60
C VAL A 225 6.37 -15.66 -21.53
N ASN A 226 6.08 -15.20 -20.32
CA ASN A 226 5.21 -14.04 -20.21
C ASN A 226 6.03 -12.76 -20.47
N ALA A 227 5.41 -11.61 -20.26
CA ALA A 227 5.99 -10.34 -20.69
C ALA A 227 7.25 -9.99 -19.92
N ILE A 228 7.42 -10.50 -18.70
CA ILE A 228 8.63 -10.26 -17.92
C ILE A 228 9.59 -11.46 -17.99
N GLY A 229 9.46 -12.31 -18.99
CA GLY A 229 10.44 -13.36 -19.21
C GLY A 229 10.29 -14.61 -18.37
N GLU A 230 9.19 -14.78 -17.65
CA GLU A 230 8.99 -16.01 -16.88
C GLU A 230 8.46 -17.10 -17.81
N LYS A 231 9.06 -18.28 -17.72
CA LYS A 231 8.68 -19.42 -18.55
C LYS A 231 7.26 -19.85 -18.25
N ILE A 232 6.50 -20.16 -19.30
CA ILE A 232 5.20 -20.79 -19.16
C ILE A 232 5.41 -22.30 -19.15
N GLU A 233 5.06 -22.94 -18.04
CA GLU A 233 5.23 -24.39 -17.97
C GLU A 233 4.38 -25.09 -19.03
N GLY A 234 4.86 -26.26 -19.45
CA GLY A 234 4.14 -27.04 -20.44
C GLY A 234 4.29 -26.55 -21.87
N THR A 235 5.28 -25.70 -22.14
CA THR A 235 5.45 -25.18 -23.49
C THR A 235 6.79 -25.53 -24.09
N ASN A 236 7.69 -26.17 -23.34
CA ASN A 236 9.03 -26.42 -23.84
C ASN A 236 8.97 -27.47 -24.95
N THR A 237 9.49 -27.12 -26.12
CA THR A 237 9.27 -27.89 -27.35
C THR A 237 10.59 -28.22 -28.02
N PRO A 238 10.98 -29.49 -28.14
CA PRO A 238 12.23 -29.83 -28.83
C PRO A 238 12.15 -29.51 -30.31
N PRO A 239 13.29 -29.31 -30.97
CA PRO A 239 13.24 -29.01 -32.41
C PRO A 239 12.56 -30.14 -33.17
N GLY A 240 11.91 -29.77 -34.26
CA GLY A 240 11.18 -30.74 -35.04
C GLY A 240 9.75 -30.95 -34.62
N ASN A 241 9.31 -30.33 -33.53
CA ASN A 241 7.93 -30.46 -33.08
C ASN A 241 7.17 -29.17 -33.30
N THR A 242 5.85 -29.30 -33.39
CA THR A 242 5.01 -28.14 -33.66
C THR A 242 5.26 -27.05 -32.63
N GLN A 243 5.59 -25.86 -33.13
CA GLN A 243 5.90 -24.73 -32.28
C GLN A 243 4.80 -24.47 -31.26
N PRO A 244 5.16 -24.03 -30.06
CA PRO A 244 4.13 -23.76 -29.04
C PRO A 244 3.30 -22.53 -29.41
N THR A 245 2.11 -22.43 -28.82
CA THR A 245 1.26 -21.24 -29.01
C THR A 245 1.40 -20.34 -27.79
N CYS A 246 2.03 -19.19 -28.00
CA CYS A 246 2.42 -18.33 -26.90
C CYS A 246 1.54 -17.11 -26.87
N GLN A 247 0.95 -16.85 -25.71
CA GLN A 247 0.11 -15.68 -25.48
C GLN A 247 0.98 -14.43 -25.44
N SER A 248 0.52 -13.37 -26.09
CA SER A 248 1.22 -12.11 -25.97
C SER A 248 0.64 -11.26 -24.84
N HIS A 249 1.38 -10.22 -24.47
CA HIS A 249 0.97 -9.28 -23.42
C HIS A 249 0.50 -9.98 -22.15
N ASP A 250 1.23 -11.02 -21.75
CA ASP A 250 0.89 -11.75 -20.53
C ASP A 250 1.59 -11.08 -19.36
N TRP A 251 0.82 -10.31 -18.59
CA TRP A 251 1.28 -9.63 -17.40
C TRP A 251 0.66 -10.22 -16.12
N ASP A 252 0.02 -11.37 -16.21
CA ASP A 252 -0.51 -12.09 -15.06
C ASP A 252 0.59 -13.02 -14.55
N THR A 253 1.33 -12.58 -13.53
CA THR A 253 2.45 -13.39 -13.04
C THR A 253 2.22 -13.92 -11.63
N CYS A 254 0.99 -13.84 -11.12
CA CYS A 254 0.66 -14.57 -9.90
C CYS A 254 0.84 -16.06 -10.12
N HIS A 255 1.18 -16.79 -9.05
CA HIS A 255 1.23 -18.24 -9.12
C HIS A 255 -0.17 -18.82 -8.93
N TYR A 256 -0.38 -19.98 -9.52
CA TYR A 256 -1.67 -20.65 -9.53
C TYR A 256 -1.56 -22.00 -8.87
N ALA A 257 -2.45 -22.26 -7.91
CA ALA A 257 -2.63 -23.60 -7.37
C ALA A 257 -3.25 -24.51 -8.43
N VAL A 258 -2.73 -25.72 -8.57
CA VAL A 258 -3.23 -26.65 -9.58
C VAL A 258 -3.29 -28.06 -9.03
N ALA A 259 -4.19 -28.86 -9.61
CA ALA A 259 -4.26 -30.30 -9.39
C ALA A 259 -3.70 -30.99 -10.62
N VAL A 260 -2.58 -31.72 -10.49
CA VAL A 260 -1.97 -32.38 -11.65
C VAL A 260 -2.28 -33.88 -11.57
N VAL A 261 -2.57 -34.49 -12.72
CA VAL A 261 -2.91 -35.91 -12.83
C VAL A 261 -2.21 -36.50 -14.06
N LYS A 262 -2.16 -37.84 -14.12
CA LYS A 262 -1.63 -38.53 -15.29
C LYS A 262 -2.75 -38.77 -16.30
N ASN A 263 -2.42 -38.68 -17.60
CA ASN A 263 -3.46 -38.86 -18.61
C ASN A 263 -3.94 -40.31 -18.70
N SER A 264 -3.26 -41.24 -18.02
CA SER A 264 -3.66 -42.64 -17.99
C SER A 264 -4.82 -42.93 -17.04
N SER A 265 -5.26 -41.97 -16.23
CA SER A 265 -6.45 -42.10 -15.41
C SER A 265 -7.60 -41.31 -16.01
N THR A 266 -8.81 -41.45 -15.44
CA THR A 266 -10.01 -40.87 -16.05
C THR A 266 -10.95 -40.15 -15.10
N PHE A 267 -10.70 -40.14 -13.80
CA PHE A 267 -11.61 -39.44 -12.90
C PHE A 267 -11.55 -37.94 -13.15
N GLN A 268 -12.63 -37.26 -12.77
CA GLN A 268 -12.71 -35.80 -12.80
C GLN A 268 -12.68 -35.26 -11.38
N PHE A 269 -12.62 -33.93 -11.28
CA PHE A 269 -12.42 -33.29 -9.98
C PHE A 269 -13.49 -33.70 -8.98
N GLY A 270 -14.75 -33.73 -9.40
CA GLY A 270 -15.86 -34.05 -8.51
C GLY A 270 -15.88 -35.48 -8.00
N GLN A 271 -15.07 -36.37 -8.58
CA GLN A 271 -14.96 -37.77 -8.18
C GLN A 271 -13.68 -38.03 -7.41
N LEU A 272 -13.19 -37.03 -6.68
CA LEU A 272 -11.95 -37.20 -5.93
C LEU A 272 -12.11 -38.06 -4.69
N LYS A 273 -13.33 -38.19 -4.17
CA LYS A 273 -13.51 -38.92 -2.92
C LYS A 273 -12.92 -40.32 -3.03
N GLY A 274 -12.13 -40.70 -2.04
CA GLY A 274 -11.57 -42.03 -2.01
C GLY A 274 -10.31 -42.25 -2.83
N LYS A 275 -9.84 -41.24 -3.56
CA LYS A 275 -8.59 -41.41 -4.29
C LYS A 275 -7.39 -41.22 -3.36
N ARG A 276 -6.21 -41.52 -3.89
CA ARG A 276 -4.95 -41.24 -3.21
C ARG A 276 -4.42 -39.89 -3.71
N SER A 277 -3.88 -39.09 -2.78
CA SER A 277 -3.45 -37.75 -3.15
C SER A 277 -2.08 -37.42 -2.57
N CYS A 278 -1.35 -36.60 -3.32
CA CYS A 278 -0.07 -36.04 -2.92
C CYS A 278 -0.21 -34.52 -2.79
N HIS A 279 0.17 -34.00 -1.63
CA HIS A 279 0.05 -32.58 -1.32
C HIS A 279 1.42 -32.02 -0.98
N SER A 280 1.67 -30.76 -1.36
CA SER A 280 2.96 -30.16 -1.02
C SER A 280 3.17 -30.12 0.49
N GLY A 281 2.11 -29.87 1.26
CA GLY A 281 2.24 -29.93 2.71
C GLY A 281 1.04 -29.42 3.47
N LEU A 282 0.87 -29.87 4.72
CA LEU A 282 -0.33 -29.53 5.45
C LEU A 282 -0.54 -28.03 5.54
N SER A 283 0.54 -27.25 5.66
CA SER A 283 0.40 -25.82 5.89
C SER A 283 0.61 -24.95 4.64
N LYS A 284 0.88 -25.55 3.47
CA LYS A 284 1.07 -24.79 2.24
C LYS A 284 -0.26 -24.35 1.64
N THR A 285 -0.29 -23.13 1.12
CA THR A 285 -1.50 -22.65 0.46
C THR A 285 -1.85 -23.53 -0.74
N ASP A 286 -0.87 -23.85 -1.59
CA ASP A 286 -1.18 -24.60 -2.81
C ASP A 286 -1.44 -26.08 -2.52
N GLY A 287 -0.84 -26.61 -1.47
CA GLY A 287 -1.08 -28.00 -1.11
C GLY A 287 -2.22 -28.25 -0.16
N TRP A 288 -2.81 -27.20 0.45
CA TRP A 288 -3.84 -27.43 1.45
C TRP A 288 -4.97 -26.41 1.35
N ASN A 289 -4.70 -25.12 1.61
CA ASN A 289 -5.76 -24.12 1.62
C ASN A 289 -6.52 -24.09 0.31
N ALA A 290 -5.80 -23.97 -0.82
CA ALA A 290 -6.48 -23.84 -2.12
C ALA A 290 -7.36 -25.03 -2.39
N PRO A 291 -6.85 -26.28 -2.41
CA PRO A 291 -7.76 -27.42 -2.65
C PRO A 291 -8.87 -27.51 -1.62
N VAL A 292 -8.54 -27.48 -0.32
CA VAL A 292 -9.57 -27.59 0.71
C VAL A 292 -10.64 -26.52 0.51
N ASN A 293 -10.23 -25.29 0.16
CA ASN A 293 -11.24 -24.26 -0.11
C ASN A 293 -12.20 -24.72 -1.20
N VAL A 294 -11.66 -25.31 -2.27
CA VAL A 294 -12.51 -25.74 -3.38
C VAL A 294 -13.35 -26.95 -2.97
N PHE A 295 -12.75 -27.91 -2.24
CA PHE A 295 -13.52 -29.05 -1.75
C PHE A 295 -14.75 -28.58 -0.97
N VAL A 296 -14.60 -27.49 -0.21
CA VAL A 296 -15.70 -27.05 0.65
C VAL A 296 -16.76 -26.32 -0.16
N GLU A 297 -16.34 -25.43 -1.06
CA GLU A 297 -17.31 -24.72 -1.88
C GLU A 297 -18.14 -25.68 -2.72
N LYS A 298 -17.53 -26.72 -3.24
CA LYS A 298 -18.24 -27.71 -4.05
C LYS A 298 -18.94 -28.76 -3.19
N LYS A 299 -18.84 -28.66 -1.87
CA LYS A 299 -19.49 -29.59 -0.96
C LYS A 299 -19.10 -31.04 -1.23
N LEU A 300 -17.94 -31.26 -1.87
CA LEU A 300 -17.37 -32.60 -1.90
C LEU A 300 -17.02 -33.06 -0.50
N LEU A 301 -16.75 -32.12 0.39
CA LEU A 301 -16.35 -32.39 1.76
C LEU A 301 -17.48 -32.01 2.70
N PRO A 302 -18.19 -32.98 3.28
CA PRO A 302 -19.02 -32.67 4.46
C PRO A 302 -18.24 -31.91 5.52
N TRP A 303 -18.45 -30.58 5.58
CA TRP A 303 -17.78 -29.73 6.57
C TRP A 303 -18.06 -28.28 6.25
N ASP A 304 -18.34 -27.48 7.28
CA ASP A 304 -18.60 -26.05 7.06
C ASP A 304 -18.05 -25.19 8.19
N GLY A 305 -18.26 -25.62 9.44
CA GLY A 305 -17.75 -24.90 10.58
C GLY A 305 -17.00 -25.83 11.53
N LEU A 306 -16.29 -25.22 12.48
CA LEU A 306 -15.53 -25.98 13.46
C LEU A 306 -16.41 -26.87 14.34
N ALA A 307 -17.73 -26.85 14.14
CA ALA A 307 -18.64 -27.77 14.81
C ALA A 307 -18.62 -29.18 14.21
N LYS A 308 -18.09 -29.34 12.99
CA LYS A 308 -17.94 -30.64 12.36
C LYS A 308 -16.53 -31.22 12.55
N GLY A 309 -15.83 -30.81 13.60
CA GLY A 309 -14.46 -31.22 13.82
C GLY A 309 -13.46 -30.35 13.07
N SER A 310 -12.24 -30.87 12.98
CA SER A 310 -11.20 -30.17 12.24
C SER A 310 -11.32 -30.48 10.75
N ILE A 311 -10.75 -29.60 9.94
CA ILE A 311 -10.77 -29.85 8.50
C ILE A 311 -9.85 -31.01 8.15
N GLU A 312 -8.69 -31.08 8.80
CA GLU A 312 -7.79 -32.21 8.56
C GLU A 312 -8.53 -33.53 8.73
N ARG A 313 -9.36 -33.65 9.77
CA ARG A 313 -10.06 -34.91 9.99
C ARG A 313 -11.06 -35.19 8.87
N ALA A 314 -11.77 -34.15 8.40
CA ALA A 314 -12.69 -34.32 7.28
C ALA A 314 -11.95 -34.77 6.04
N VAL A 315 -10.82 -34.11 5.72
CA VAL A 315 -9.99 -34.54 4.60
C VAL A 315 -9.55 -35.98 4.78
N SER A 316 -9.27 -36.37 6.04
CA SER A 316 -8.88 -37.73 6.33
C SER A 316 -9.95 -38.73 5.87
N LYS A 317 -11.23 -38.37 6.00
CA LYS A 317 -12.31 -39.23 5.55
C LYS A 317 -12.49 -39.20 4.03
N PHE A 318 -12.09 -38.12 3.39
CA PHE A 318 -12.30 -37.92 1.96
C PHE A 318 -11.38 -38.82 1.12
N PHE A 319 -10.08 -38.72 1.35
CA PHE A 319 -9.12 -39.54 0.60
C PHE A 319 -8.92 -40.88 1.29
N SER A 320 -8.57 -41.89 0.51
CA SER A 320 -8.24 -43.18 1.10
C SER A 320 -6.87 -43.15 1.76
N ALA A 321 -5.83 -42.86 0.97
CA ALA A 321 -4.47 -42.65 1.46
C ALA A 321 -3.89 -41.41 0.79
N SER A 322 -3.10 -40.63 1.55
CA SER A 322 -2.46 -39.44 1.01
C SER A 322 -1.06 -39.31 1.60
N CYS A 323 -0.29 -38.38 1.04
CA CYS A 323 0.95 -37.89 1.65
C CYS A 323 0.83 -36.39 1.83
N ILE A 324 0.72 -35.94 3.07
CA ILE A 324 0.48 -34.52 3.34
C ILE A 324 1.43 -34.05 4.43
N PRO A 325 2.69 -33.77 4.09
CA PRO A 325 3.69 -33.49 5.14
C PRO A 325 3.19 -32.58 6.24
N GLY A 326 3.40 -33.03 7.49
CA GLY A 326 2.94 -32.31 8.64
C GLY A 326 1.57 -32.72 9.16
N ALA A 327 0.90 -33.66 8.50
CA ALA A 327 -0.39 -34.10 9.01
C ALA A 327 -0.19 -35.05 10.18
N THR A 328 -1.23 -35.14 11.02
CA THR A 328 -1.25 -36.11 12.11
C THR A 328 -2.10 -37.34 11.78
N GLU A 329 -3.30 -37.15 11.23
CA GLU A 329 -4.13 -38.27 10.79
C GLU A 329 -3.29 -39.29 10.05
N THR A 330 -3.55 -40.57 10.33
CA THR A 330 -2.62 -41.62 9.90
C THR A 330 -2.66 -41.81 8.39
N ASN A 331 -3.86 -41.93 7.81
CA ASN A 331 -3.93 -42.20 6.37
C ASN A 331 -3.38 -41.04 5.56
N LEU A 332 -3.36 -39.83 6.13
CA LEU A 332 -2.81 -38.66 5.45
C LEU A 332 -1.28 -38.61 5.47
N CYS A 333 -0.63 -39.60 6.09
CA CYS A 333 0.81 -39.79 5.98
C CYS A 333 1.18 -41.12 5.33
N LYS A 334 0.18 -41.92 4.96
CA LYS A 334 0.44 -43.29 4.54
C LYS A 334 1.32 -43.35 3.28
N GLN A 335 1.10 -42.44 2.34
CA GLN A 335 1.83 -42.51 1.08
C GLN A 335 3.19 -41.84 1.14
N CYS A 336 3.52 -41.13 2.22
CA CYS A 336 4.84 -40.54 2.33
C CYS A 336 5.89 -41.63 2.47
N ILE A 337 7.16 -41.29 2.21
CA ILE A 337 8.19 -42.31 2.15
C ILE A 337 9.48 -41.88 2.86
N GLY A 338 9.40 -40.87 3.73
CA GLY A 338 10.53 -40.52 4.57
C GLY A 338 10.81 -41.62 5.59
N GLU A 339 12.10 -41.83 5.88
CA GLU A 339 12.50 -42.95 6.74
C GLU A 339 12.37 -42.59 8.21
N GLU A 340 11.76 -43.49 8.98
CA GLU A 340 11.64 -43.39 10.44
C GLU A 340 11.06 -42.01 10.78
N GLU A 341 11.63 -41.28 11.74
CA GLU A 341 11.02 -40.05 12.21
C GLU A 341 10.86 -39.00 11.09
N LYS A 342 11.54 -39.18 9.95
CA LYS A 342 11.45 -38.20 8.87
C LYS A 342 10.16 -38.33 8.07
N LYS A 343 9.58 -39.54 8.01
CA LYS A 343 8.31 -39.74 7.33
C LYS A 343 7.29 -38.68 7.70
N CYS A 344 6.70 -38.06 6.67
CA CYS A 344 5.63 -37.09 6.81
C CYS A 344 6.07 -35.81 7.49
N LYS A 345 7.38 -35.54 7.54
CA LYS A 345 7.84 -34.29 8.12
C LYS A 345 7.70 -33.17 7.11
N SER A 346 7.28 -32.01 7.60
CA SER A 346 7.31 -30.82 6.76
C SER A 346 8.77 -30.47 6.50
N SER A 347 9.47 -31.31 5.72
CA SER A 347 10.90 -31.13 5.51
C SER A 347 11.34 -31.94 4.29
N HIS A 348 12.35 -31.44 3.59
CA HIS A 348 12.92 -32.17 2.45
C HIS A 348 13.45 -33.53 2.85
N ASP A 349 13.76 -33.76 4.13
CA ASP A 349 14.13 -35.11 4.53
C ASP A 349 13.00 -36.08 4.21
N GLU A 350 11.79 -35.59 4.00
CA GLU A 350 10.69 -36.38 3.48
C GLU A 350 10.70 -36.23 1.95
N PRO A 351 10.96 -37.29 1.19
CA PRO A 351 11.17 -37.10 -0.26
C PRO A 351 9.95 -36.54 -0.99
N TYR A 352 8.75 -36.70 -0.46
CA TYR A 352 7.54 -36.21 -1.10
C TYR A 352 7.10 -34.85 -0.56
N TYR A 353 7.94 -34.17 0.22
CA TYR A 353 7.60 -32.86 0.76
C TYR A 353 7.72 -31.78 -0.32
N GLY A 354 6.80 -30.81 -0.28
CA GLY A 354 6.86 -29.65 -1.17
C GLY A 354 6.32 -29.91 -2.57
N ASP A 355 6.31 -28.85 -3.36
CA ASP A 355 5.76 -28.90 -4.71
C ASP A 355 6.39 -30.03 -5.52
N HIS A 356 7.72 -30.10 -5.56
N HIS A 356 7.72 -30.05 -5.60
CA HIS A 356 8.35 -31.14 -6.36
CA HIS A 356 8.39 -31.12 -6.33
C HIS A 356 8.33 -32.50 -5.67
C HIS A 356 8.10 -32.46 -5.69
N GLY A 357 8.14 -32.52 -4.35
CA GLY A 357 7.88 -33.78 -3.69
C GLY A 357 6.51 -34.33 -4.03
N ALA A 358 5.49 -33.47 -4.00
CA ALA A 358 4.16 -33.92 -4.38
C ALA A 358 4.13 -34.41 -5.82
N PHE A 359 4.81 -33.71 -6.72
CA PHE A 359 4.84 -34.16 -8.11
C PHE A 359 5.55 -35.51 -8.21
N ARG A 360 6.69 -35.66 -7.53
CA ARG A 360 7.38 -36.94 -7.48
C ARG A 360 6.47 -38.05 -6.95
N CYS A 361 5.67 -37.75 -5.92
CA CYS A 361 4.73 -38.71 -5.37
C CYS A 361 3.69 -39.17 -6.40
N LEU A 362 3.23 -38.26 -7.27
CA LEU A 362 2.36 -38.68 -8.38
C LEU A 362 3.14 -39.45 -9.43
N GLN A 363 4.33 -38.96 -9.78
CA GLN A 363 5.15 -39.62 -10.79
C GLN A 363 5.40 -41.09 -10.44
N GLU A 364 5.73 -41.36 -9.18
CA GLU A 364 5.98 -42.71 -8.69
C GLU A 364 4.72 -43.46 -8.34
N ASP A 365 3.55 -42.86 -8.53
CA ASP A 365 2.25 -43.54 -8.45
C ASP A 365 1.81 -43.85 -7.03
N LYS A 366 2.42 -43.22 -6.04
CA LYS A 366 1.85 -43.26 -4.70
C LYS A 366 0.58 -42.42 -4.58
N GLY A 367 0.24 -41.62 -5.59
CA GLY A 367 -0.99 -40.86 -5.56
C GLY A 367 -1.61 -40.83 -6.93
N ASP A 368 -2.90 -40.48 -6.95
CA ASP A 368 -3.62 -40.33 -8.22
C ASP A 368 -3.70 -38.87 -8.67
N VAL A 369 -3.46 -37.94 -7.75
CA VAL A 369 -3.52 -36.51 -8.03
C VAL A 369 -2.51 -35.85 -7.12
N ALA A 370 -1.84 -34.81 -7.61
CA ALA A 370 -0.95 -34.01 -6.77
C ALA A 370 -1.42 -32.56 -6.78
N PHE A 371 -1.36 -31.93 -5.60
CA PHE A 371 -1.78 -30.54 -5.40
C PHE A 371 -0.53 -29.70 -5.16
N LEU A 372 -0.23 -28.81 -6.09
CA LEU A 372 0.99 -28.00 -6.06
C LEU A 372 0.67 -26.72 -6.82
N LYS A 373 1.67 -26.04 -7.38
CA LYS A 373 1.39 -24.82 -8.12
C LYS A 373 2.07 -24.86 -9.48
N ASN A 374 1.66 -23.95 -10.37
CA ASN A 374 2.09 -24.02 -11.77
C ASN A 374 3.61 -23.99 -11.91
N THR A 375 4.31 -23.32 -10.99
CA THR A 375 5.78 -23.20 -11.09
C THR A 375 6.48 -24.53 -10.88
N ALA A 376 5.77 -25.54 -10.39
CA ALA A 376 6.34 -26.86 -10.19
C ALA A 376 5.93 -27.84 -11.29
N LEU A 377 5.13 -27.40 -12.25
CA LEU A 377 4.69 -28.27 -13.35
C LEU A 377 5.86 -28.55 -14.31
N PRO A 378 5.82 -29.68 -15.01
CA PRO A 378 6.87 -29.94 -16.01
C PRO A 378 6.92 -28.87 -17.09
N ASP A 379 8.14 -28.59 -17.55
CA ASP A 379 8.33 -27.60 -18.61
C ASP A 379 7.88 -28.12 -19.99
N GLU A 380 7.98 -29.43 -20.23
CA GLU A 380 7.82 -29.99 -21.56
C GLU A 380 6.34 -30.05 -21.94
N HIS A 381 6.08 -29.75 -23.22
CA HIS A 381 4.70 -29.73 -23.70
C HIS A 381 4.11 -31.13 -23.76
N SER A 382 4.96 -32.11 -23.95
CA SER A 382 4.53 -33.46 -24.27
C SER A 382 4.83 -34.33 -23.06
N GLY A 383 3.98 -35.29 -22.81
CA GLY A 383 4.15 -36.16 -21.67
C GLY A 383 2.82 -36.65 -21.16
N VAL A 384 2.89 -37.29 -20.00
CA VAL A 384 1.78 -38.03 -19.45
C VAL A 384 0.97 -37.22 -18.45
N TYR A 385 1.27 -35.94 -18.29
CA TYR A 385 0.63 -35.14 -17.25
C TYR A 385 -0.32 -34.12 -17.81
N GLU A 386 -1.36 -33.83 -17.04
CA GLU A 386 -2.33 -32.82 -17.42
C GLU A 386 -2.95 -32.28 -16.13
N LEU A 387 -3.81 -31.28 -16.27
CA LEU A 387 -4.43 -30.63 -15.14
C LEU A 387 -5.85 -31.12 -14.92
N LEU A 388 -6.25 -31.18 -13.65
CA LEU A 388 -7.59 -31.59 -13.24
C LEU A 388 -8.35 -30.32 -12.84
N CYS A 389 -9.28 -29.86 -13.69
CA CYS A 389 -9.95 -28.58 -13.43
C CYS A 389 -11.15 -28.78 -12.52
N PRO A 390 -11.41 -27.82 -11.63
CA PRO A 390 -12.58 -27.95 -10.73
C PRO A 390 -13.93 -27.96 -11.46
N ASP A 391 -13.99 -27.65 -12.75
CA ASP A 391 -15.24 -27.76 -13.50
C ASP A 391 -15.43 -29.14 -14.12
N ASN A 392 -14.69 -30.13 -13.64
CA ASN A 392 -14.87 -31.52 -14.04
C ASN A 392 -14.41 -31.77 -15.47
N THR A 393 -13.45 -30.99 -15.95
CA THR A 393 -12.74 -31.30 -17.18
C THR A 393 -11.24 -31.40 -16.90
N ARG A 394 -10.52 -31.88 -17.89
CA ARG A 394 -9.06 -31.94 -17.84
C ARG A 394 -8.48 -31.10 -18.98
N LYS A 395 -7.32 -30.48 -18.73
CA LYS A 395 -6.73 -29.55 -19.68
C LYS A 395 -5.21 -29.68 -19.63
N PRO A 396 -4.52 -29.25 -20.70
CA PRO A 396 -3.06 -29.42 -20.76
C PRO A 396 -2.34 -28.54 -19.73
N LEU A 397 -1.09 -28.91 -19.48
CA LEU A 397 -0.31 -28.25 -18.43
C LEU A 397 -0.25 -26.75 -18.64
N ASN A 398 -0.14 -26.29 -19.89
CA ASN A 398 0.04 -24.85 -20.09
C ASN A 398 -1.26 -24.08 -19.99
N LYS A 399 -2.37 -24.74 -19.68
CA LYS A 399 -3.66 -24.07 -19.53
C LYS A 399 -4.02 -23.83 -18.06
N TYR A 400 -3.03 -23.82 -17.16
CA TYR A 400 -3.32 -23.64 -15.74
C TYR A 400 -4.07 -22.33 -15.46
N LYS A 401 -3.82 -21.28 -16.25
CA LYS A 401 -4.52 -20.02 -16.01
C LYS A 401 -6.03 -20.17 -16.15
N GLU A 402 -6.48 -21.20 -16.85
CA GLU A 402 -7.92 -21.43 -16.97
C GLU A 402 -8.32 -22.79 -16.40
N CYS A 403 -7.44 -23.43 -15.61
CA CYS A 403 -7.67 -24.76 -15.06
C CYS A 403 -6.89 -24.84 -13.75
N ASN A 404 -7.43 -24.23 -12.70
CA ASN A 404 -6.66 -24.04 -11.48
C ASN A 404 -7.58 -24.01 -10.27
N LEU A 405 -6.96 -24.05 -9.10
CA LEU A 405 -7.67 -23.96 -7.83
C LEU A 405 -7.49 -22.60 -7.18
N GLY A 406 -7.17 -21.58 -7.96
CA GLY A 406 -7.08 -20.20 -7.53
C GLY A 406 -5.66 -19.66 -7.61
N LYS A 407 -5.55 -18.35 -7.74
CA LYS A 407 -4.27 -17.70 -7.49
C LYS A 407 -3.89 -17.84 -6.02
N VAL A 408 -2.60 -18.02 -5.74
CA VAL A 408 -2.12 -18.04 -4.36
C VAL A 408 -1.21 -16.85 -4.08
N PRO A 409 -1.06 -16.41 -2.82
CA PRO A 409 -0.16 -15.29 -2.52
C PRO A 409 1.30 -15.59 -2.87
N ALA A 410 2.09 -14.52 -2.99
CA ALA A 410 3.53 -14.69 -3.02
C ALA A 410 4.01 -15.38 -1.73
N ASP A 411 5.21 -15.96 -1.81
CA ASP A 411 5.93 -16.47 -0.65
C ASP A 411 7.03 -15.48 -0.28
N ALA A 412 7.57 -15.61 0.93
CA ALA A 412 8.46 -14.54 1.40
C ALA A 412 9.50 -15.04 2.39
N VAL A 413 10.61 -14.30 2.46
CA VAL A 413 11.54 -14.38 3.57
C VAL A 413 10.91 -13.68 4.77
N VAL A 414 10.96 -14.32 5.93
CA VAL A 414 10.40 -13.79 7.18
C VAL A 414 11.51 -13.64 8.19
N THR A 415 11.29 -12.74 9.15
CA THR A 415 12.14 -12.60 10.32
C THR A 415 11.25 -12.15 11.48
N ARG A 416 11.87 -11.81 12.61
CA ARG A 416 11.09 -11.38 13.78
C ARG A 416 10.38 -10.05 13.52
N LYS A 417 9.19 -9.89 14.09
CA LYS A 417 8.49 -8.62 13.96
C LYS A 417 9.39 -7.45 14.34
N ALA A 418 10.24 -7.63 15.35
CA ALA A 418 11.10 -6.54 15.81
C ALA A 418 11.96 -5.98 14.69
N GLY A 419 12.36 -6.82 13.73
CA GLY A 419 13.16 -6.36 12.61
C GLY A 419 14.58 -5.99 12.93
N ASP A 420 15.14 -6.54 14.01
CA ASP A 420 16.53 -6.26 14.36
C ASP A 420 17.52 -6.69 13.27
N LYS A 421 17.17 -7.66 12.42
CA LYS A 421 18.08 -8.14 11.38
C LYS A 421 17.62 -7.84 9.96
N THR A 422 16.50 -7.13 9.79
CA THR A 422 15.95 -6.90 8.44
C THR A 422 16.99 -6.31 7.50
N LYS A 423 17.70 -5.28 7.96
CA LYS A 423 18.72 -4.66 7.11
C LYS A 423 19.82 -5.65 6.73
N ASP A 424 20.37 -6.37 7.71
CA ASP A 424 21.42 -7.33 7.39
C ASP A 424 20.92 -8.38 6.39
N ILE A 425 19.67 -8.86 6.57
CA ILE A 425 19.14 -9.87 5.68
C ILE A 425 18.95 -9.31 4.27
N ASN A 426 18.42 -8.09 4.17
CA ASN A 426 18.21 -7.46 2.87
C ASN A 426 19.54 -7.15 2.20
N ASP A 427 20.47 -6.53 2.93
CA ASP A 427 21.78 -6.24 2.36
C ASP A 427 22.43 -7.51 1.84
N PHE A 428 22.41 -8.57 2.63
CA PHE A 428 23.09 -9.78 2.17
C PHE A 428 22.46 -10.30 0.88
N LEU A 429 21.12 -10.32 0.81
CA LEU A 429 20.48 -10.92 -0.36
C LEU A 429 20.60 -10.00 -1.57
N LEU A 430 20.53 -8.68 -1.37
CA LEU A 430 20.76 -7.76 -2.47
C LEU A 430 22.15 -7.98 -3.07
N GLU A 431 23.17 -8.08 -2.21
CA GLU A 431 24.54 -8.23 -2.70
C GLU A 431 24.77 -9.60 -3.29
N ALA A 432 24.17 -10.62 -2.70
CA ALA A 432 24.33 -11.96 -3.24
C ALA A 432 23.75 -12.06 -4.65
N GLN A 433 22.66 -11.33 -4.92
CA GLN A 433 22.04 -11.37 -6.24
C GLN A 433 22.82 -10.55 -7.26
N LYS A 434 23.26 -9.35 -6.87
CA LYS A 434 24.21 -8.60 -7.68
C LYS A 434 25.37 -9.49 -8.14
N LYS A 435 26.02 -10.19 -7.20
CA LYS A 435 27.16 -11.06 -7.52
C LYS A 435 26.75 -12.36 -8.20
N LYS A 436 25.44 -12.62 -8.34
CA LYS A 436 24.95 -13.81 -9.03
C LYS A 436 25.30 -15.10 -8.30
N CYS A 437 25.25 -15.10 -6.96
CA CYS A 437 25.46 -16.35 -6.22
C CYS A 437 24.35 -17.35 -6.54
N LYS A 438 24.65 -18.63 -6.32
CA LYS A 438 23.72 -19.72 -6.65
C LYS A 438 22.61 -19.85 -5.60
N LEU A 439 21.83 -18.78 -5.46
CA LEU A 439 20.72 -18.80 -4.50
C LEU A 439 19.60 -19.73 -4.94
N PHE A 440 19.30 -19.80 -6.25
CA PHE A 440 18.01 -20.33 -6.72
C PHE A 440 18.10 -21.66 -7.47
N GLY A 441 19.20 -22.38 -7.34
CA GLY A 441 19.22 -23.76 -7.80
C GLY A 441 20.17 -24.55 -6.94
N SER A 442 20.24 -25.86 -7.19
CA SER A 442 21.24 -26.66 -6.49
C SER A 442 21.35 -28.08 -7.04
N PRO A 443 22.58 -28.64 -7.07
CA PRO A 443 22.73 -30.07 -7.38
C PRO A 443 22.06 -30.96 -6.37
N HIS A 444 21.91 -30.51 -5.13
CA HIS A 444 21.40 -31.38 -4.08
C HIS A 444 19.90 -31.63 -4.18
N GLY A 445 19.15 -30.78 -4.87
CA GLY A 445 17.72 -30.94 -4.94
C GLY A 445 17.04 -29.65 -5.33
N LYS A 446 15.72 -29.75 -5.48
CA LYS A 446 14.89 -28.64 -5.94
C LYS A 446 14.26 -27.89 -4.78
N ASP A 447 14.22 -26.56 -4.90
CA ASP A 447 13.50 -25.71 -3.96
C ASP A 447 14.14 -25.71 -2.58
N LEU A 448 15.47 -25.80 -2.54
CA LEU A 448 16.22 -25.72 -1.29
C LEU A 448 16.48 -24.26 -0.95
N MET A 449 16.11 -23.88 0.27
CA MET A 449 16.29 -22.52 0.77
C MET A 449 15.27 -21.59 0.14
N PHE A 450 15.21 -21.59 -1.20
CA PHE A 450 14.22 -20.83 -1.94
C PHE A 450 13.59 -21.70 -3.02
N ASP A 451 12.45 -21.25 -3.51
CA ASP A 451 11.85 -21.84 -4.68
C ASP A 451 12.81 -21.76 -5.88
N ASP A 452 12.99 -22.89 -6.58
CA ASP A 452 13.87 -22.87 -7.76
C ASP A 452 13.37 -21.91 -8.83
N SER A 453 12.07 -21.60 -8.84
CA SER A 453 11.51 -20.70 -9.85
C SER A 453 11.77 -19.23 -9.54
N THR A 454 12.18 -18.92 -8.32
CA THR A 454 12.49 -17.54 -7.97
C THR A 454 13.59 -16.98 -8.87
N THR A 455 13.40 -15.75 -9.32
CA THR A 455 14.42 -15.05 -10.12
C THR A 455 15.05 -13.88 -9.39
N HIS A 456 14.28 -13.13 -8.61
CA HIS A 456 14.81 -11.99 -7.88
C HIS A 456 14.00 -11.81 -6.62
N LEU A 457 14.66 -11.39 -5.54
CA LEU A 457 14.03 -11.12 -4.25
C LEU A 457 14.27 -9.66 -3.90
N ALA A 458 13.18 -8.92 -3.70
CA ALA A 458 13.27 -7.50 -3.40
C ALA A 458 12.70 -7.22 -2.01
N PRO A 459 13.13 -6.12 -1.38
CA PRO A 459 12.56 -5.76 -0.08
C PRO A 459 11.10 -5.37 -0.21
N LEU A 460 10.28 -5.79 0.77
CA LEU A 460 8.90 -5.40 0.86
C LEU A 460 8.75 -4.06 1.54
N PRO A 461 7.60 -3.40 1.38
CA PRO A 461 7.34 -2.16 2.12
C PRO A 461 7.67 -2.32 3.60
N SER A 462 8.29 -1.28 4.16
CA SER A 462 8.79 -1.37 5.54
C SER A 462 7.69 -1.72 6.53
N GLU A 463 6.47 -1.25 6.31
CA GLU A 463 5.38 -1.48 7.27
C GLU A 463 4.51 -2.67 6.91
N ILE A 464 4.89 -3.45 5.89
CA ILE A 464 4.10 -4.62 5.53
C ILE A 464 4.04 -5.60 6.70
N ASP A 465 2.91 -6.28 6.84
CA ASP A 465 2.75 -7.42 7.72
C ASP A 465 2.04 -8.50 6.91
N ALA A 466 1.77 -9.64 7.54
CA ALA A 466 1.10 -10.71 6.81
C ALA A 466 -0.22 -10.24 6.23
N PHE A 467 -0.99 -9.47 7.00
CA PHE A 467 -2.29 -9.04 6.49
C PHE A 467 -2.15 -8.32 5.15
N PHE A 468 -1.23 -7.35 5.06
CA PHE A 468 -1.07 -6.55 3.85
C PHE A 468 -0.29 -7.27 2.77
N PHE A 469 0.58 -8.20 3.16
CA PHE A 469 1.31 -9.01 2.18
C PHE A 469 0.40 -10.03 1.52
N LEU A 470 -0.38 -10.75 2.30
CA LEU A 470 -1.26 -11.76 1.74
C LEU A 470 -2.53 -11.15 1.16
N GLY A 471 -2.97 -10.05 1.73
CA GLY A 471 -4.22 -9.42 1.31
C GLY A 471 -5.41 -9.95 2.09
N VAL A 472 -6.43 -9.09 2.21
CA VAL A 472 -7.55 -9.37 3.11
C VAL A 472 -8.28 -10.64 2.70
N LYS A 473 -8.41 -10.90 1.39
CA LYS A 473 -9.09 -12.10 0.91
C LYS A 473 -8.39 -13.37 1.38
N TRP A 474 -7.08 -13.48 1.15
CA TRP A 474 -6.39 -14.73 1.47
C TRP A 474 -6.16 -14.87 2.96
N TYR A 475 -5.85 -13.75 3.63
CA TYR A 475 -5.75 -13.74 5.08
C TYR A 475 -7.02 -14.28 5.73
N ASN A 476 -8.20 -13.72 5.37
CA ASN A 476 -9.45 -14.23 5.93
C ASN A 476 -9.69 -15.67 5.52
N ALA A 477 -9.38 -16.01 4.26
CA ALA A 477 -9.58 -17.38 3.82
C ALA A 477 -8.76 -18.34 4.66
N MET A 478 -7.53 -17.96 5.01
CA MET A 478 -6.72 -18.88 5.80
C MET A 478 -7.23 -18.93 7.24
N LYS A 479 -7.56 -17.76 7.81
CA LYS A 479 -8.17 -17.74 9.13
C LYS A 479 -9.41 -18.63 9.18
N ALA A 480 -10.24 -18.55 8.14
CA ALA A 480 -11.51 -19.27 8.14
C ALA A 480 -11.34 -20.80 8.26
N LEU A 481 -10.17 -21.35 7.91
CA LEU A 481 -9.95 -22.79 8.08
C LEU A 481 -9.59 -23.19 9.50
N THR A 482 -9.16 -22.23 10.33
CA THR A 482 -8.72 -22.50 11.68
C THR A 482 -9.75 -22.17 12.74
N GLU A 483 -10.77 -21.38 12.41
CA GLU A 483 -11.68 -20.87 13.43
C GLU A 483 -12.95 -20.36 12.78
N ASP A 484 -14.05 -20.46 13.52
CA ASP A 484 -15.31 -19.84 13.11
C ASP A 484 -15.20 -18.34 13.29
N VAL A 485 -15.13 -17.60 12.20
CA VAL A 485 -14.94 -16.14 12.25
C VAL A 485 -16.33 -15.51 12.25
N LYS A 486 -16.77 -15.04 13.43
CA LYS A 486 -18.05 -14.39 13.58
C LYS A 486 -17.99 -13.00 12.94
N LEU A 487 -18.70 -12.82 11.84
CA LEU A 487 -18.64 -11.53 11.16
C LEU A 487 -19.51 -10.51 11.89
N PRO A 488 -18.96 -9.36 12.28
CA PRO A 488 -19.72 -8.40 13.09
C PRO A 488 -20.92 -7.82 12.35
N SER A 489 -21.90 -7.39 13.12
CA SER A 489 -23.20 -7.02 12.59
C SER A 489 -23.14 -5.79 11.69
N LYS A 490 -23.90 -5.81 10.60
CA LYS A 490 -24.06 -4.63 9.77
C LYS A 490 -24.97 -3.59 10.41
N ASN A 491 -25.55 -3.89 11.58
CA ASN A 491 -26.38 -2.94 12.31
C ASN A 491 -25.64 -2.23 13.43
N LYS A 492 -24.33 -2.48 13.56
CA LYS A 492 -23.54 -1.96 14.66
C LYS A 492 -22.30 -1.30 14.07
N VAL A 493 -22.11 -0.02 14.37
CA VAL A 493 -20.89 0.69 14.00
C VAL A 493 -19.93 0.62 15.17
N ARG A 494 -18.80 -0.06 14.98
CA ARG A 494 -17.73 -0.04 15.98
C ARG A 494 -16.90 1.21 15.74
N TRP A 495 -16.98 2.18 16.66
CA TRP A 495 -16.28 3.44 16.48
C TRP A 495 -14.87 3.35 17.06
N CYS A 496 -13.88 3.84 16.31
CA CYS A 496 -12.49 3.82 16.75
C CYS A 496 -12.14 5.14 17.43
N THR A 497 -11.53 5.04 18.60
CA THR A 497 -11.23 6.24 19.38
C THR A 497 -9.71 6.33 19.54
N ILE A 498 -9.20 7.55 19.74
CA ILE A 498 -7.76 7.74 19.76
C ILE A 498 -7.23 8.18 21.12
N ASN A 499 -8.07 8.30 22.15
CA ASN A 499 -7.61 8.62 23.50
C ASN A 499 -8.70 8.23 24.47
N LYS A 500 -8.35 8.20 25.76
CA LYS A 500 -9.28 7.66 26.75
C LYS A 500 -10.53 8.52 26.90
N PRO A 501 -10.43 9.85 26.89
CA PRO A 501 -11.67 10.65 26.93
C PRO A 501 -12.62 10.35 25.78
N GLU A 502 -12.09 10.16 24.57
CA GLU A 502 -12.91 9.75 23.44
C GLU A 502 -13.56 8.40 23.70
N MET A 503 -12.79 7.46 24.25
CA MET A 503 -13.31 6.15 24.55
C MET A 503 -14.46 6.25 25.55
N MET A 504 -14.34 7.15 26.53
CA MET A 504 -15.39 7.28 27.55
C MET A 504 -16.65 7.90 26.96
N LYS A 505 -16.49 8.92 26.12
CA LYS A 505 -17.66 9.49 25.44
C LYS A 505 -18.32 8.45 24.54
N CYS A 506 -17.50 7.59 23.91
CA CYS A 506 -18.08 6.57 23.04
C CYS A 506 -18.81 5.50 23.84
N LYS A 507 -18.32 5.15 25.03
CA LYS A 507 -19.07 4.25 25.89
C LYS A 507 -20.37 4.87 26.36
N ASP A 508 -20.38 6.18 26.65
CA ASP A 508 -21.65 6.85 26.93
C ASP A 508 -22.61 6.71 25.75
N TRP A 509 -22.10 6.91 24.52
CA TRP A 509 -22.92 6.78 23.33
C TRP A 509 -23.47 5.36 23.20
N ALA A 510 -22.62 4.36 23.42
CA ALA A 510 -23.05 2.98 23.30
C ALA A 510 -24.20 2.67 24.27
N ALA A 511 -24.11 3.17 25.50
CA ALA A 511 -25.14 2.91 26.50
C ALA A 511 -26.52 3.35 26.03
N VAL A 512 -26.63 4.53 25.41
CA VAL A 512 -27.93 5.02 24.93
C VAL A 512 -28.25 4.56 23.53
N SER A 513 -27.29 3.96 22.83
CA SER A 513 -27.47 3.74 21.40
C SER A 513 -28.35 2.53 21.14
N GLY A 514 -28.58 1.69 22.14
CA GLY A 514 -29.31 0.46 21.93
C GLY A 514 -28.56 -0.52 21.05
N GLY A 515 -27.24 -0.59 21.18
CA GLY A 515 -26.42 -1.51 20.41
C GLY A 515 -25.97 -1.01 19.05
N ALA A 516 -26.56 0.08 18.54
CA ALA A 516 -26.11 0.64 17.27
C ALA A 516 -24.64 1.06 17.31
N ILE A 517 -24.12 1.45 18.48
CA ILE A 517 -22.76 1.96 18.60
C ILE A 517 -21.96 1.06 19.54
N ALA A 518 -20.75 0.69 19.13
CA ALA A 518 -19.77 0.11 20.05
C ALA A 518 -18.45 0.86 19.90
N CYS A 519 -17.40 0.41 20.60
CA CYS A 519 -16.20 1.24 20.73
C CYS A 519 -14.95 0.38 20.65
N THR A 520 -13.90 0.92 20.02
CA THR A 520 -12.57 0.36 20.04
C THR A 520 -11.58 1.46 20.39
N GLU A 521 -10.37 1.07 20.80
CA GLU A 521 -9.35 2.03 21.19
C GLU A 521 -8.09 1.86 20.35
N ALA A 522 -7.51 2.99 19.97
CA ALA A 522 -6.22 3.04 19.29
C ALA A 522 -5.51 4.26 19.81
N SER A 523 -4.28 4.46 19.37
CA SER A 523 -3.50 5.57 19.92
C SER A 523 -3.38 6.75 18.97
N CYS A 524 -3.89 6.64 17.74
CA CYS A 524 -3.77 7.72 16.75
C CYS A 524 -4.64 7.36 15.56
N PRO A 525 -5.00 8.36 14.76
CA PRO A 525 -5.91 8.10 13.63
C PRO A 525 -5.39 7.05 12.66
N GLU A 526 -4.08 7.04 12.36
CA GLU A 526 -3.60 6.04 11.41
C GLU A 526 -3.84 4.63 11.91
N HIS A 527 -3.69 4.39 13.22
CA HIS A 527 -3.97 3.05 13.75
C HIS A 527 -5.45 2.72 13.66
N CYS A 528 -6.32 3.75 13.71
CA CYS A 528 -7.73 3.53 13.44
C CYS A 528 -7.97 3.11 11.99
N VAL A 529 -7.24 3.73 11.05
CA VAL A 529 -7.39 3.32 9.65
C VAL A 529 -7.03 1.84 9.50
N LYS A 530 -5.91 1.42 10.10
CA LYS A 530 -5.52 0.00 10.12
C LYS A 530 -6.61 -0.87 10.72
N GLN A 531 -7.23 -0.44 11.82
CA GLN A 531 -8.24 -1.27 12.44
C GLN A 531 -9.43 -1.45 11.51
N ILE A 532 -9.82 -0.38 10.82
CA ILE A 532 -10.95 -0.47 9.91
C ILE A 532 -10.62 -1.39 8.74
N LEU A 533 -9.43 -1.22 8.15
CA LEU A 533 -9.00 -2.11 7.06
C LEU A 533 -9.03 -3.57 7.48
N LYS A 534 -8.57 -3.87 8.70
CA LYS A 534 -8.51 -5.24 9.19
C LYS A 534 -9.83 -5.72 9.80
N GLY A 535 -10.90 -4.94 9.67
CA GLY A 535 -12.18 -5.38 10.22
C GLY A 535 -12.27 -5.43 11.73
N GLU A 536 -11.40 -4.68 12.43
CA GLU A 536 -11.52 -4.54 13.88
C GLU A 536 -12.37 -3.33 14.31
N ALA A 537 -12.55 -2.34 13.43
CA ALA A 537 -13.46 -1.21 13.67
C ALA A 537 -14.20 -0.91 12.37
N ASP A 538 -15.16 0.03 12.45
CA ASP A 538 -15.99 0.33 11.29
C ASP A 538 -15.98 1.78 10.87
N ALA A 539 -15.60 2.71 11.73
CA ALA A 539 -15.65 4.12 11.34
C ALA A 539 -14.73 4.91 12.24
N VAL A 540 -14.33 6.07 11.74
CA VAL A 540 -13.52 7.01 12.49
C VAL A 540 -13.61 8.34 11.76
N THR A 541 -13.47 9.43 12.51
CA THR A 541 -13.43 10.77 11.95
C THR A 541 -11.99 11.19 11.76
N LEU A 542 -11.66 11.68 10.56
CA LEU A 542 -10.28 11.99 10.24
C LEU A 542 -10.11 13.47 9.90
N ASP A 543 -9.07 14.07 10.45
CA ASP A 543 -8.62 15.37 9.97
C ASP A 543 -8.21 15.27 8.50
N VAL A 544 -8.24 16.43 7.83
CA VAL A 544 -7.86 16.50 6.41
C VAL A 544 -6.47 15.88 6.21
N GLN A 545 -5.53 16.18 7.11
CA GLN A 545 -4.14 15.75 6.98
C GLN A 545 -4.00 14.23 6.98
N TYR A 546 -5.05 13.47 7.27
CA TYR A 546 -4.98 12.02 7.22
C TYR A 546 -5.80 11.41 6.09
N MET A 547 -6.59 12.20 5.37
CA MET A 547 -7.46 11.64 4.35
C MET A 547 -6.71 11.12 3.12
N TYR A 548 -5.60 11.74 2.74
CA TYR A 548 -4.88 11.21 1.57
C TYR A 548 -4.42 9.79 1.86
N MET A 549 -3.86 9.54 3.04
CA MET A 549 -3.46 8.19 3.39
C MET A 549 -4.68 7.25 3.47
N ALA A 550 -5.78 7.72 4.03
CA ALA A 550 -6.96 6.85 4.17
C ALA A 550 -7.59 6.53 2.80
N LEU A 551 -7.61 7.51 1.89
CA LEU A 551 -8.17 7.22 0.57
C LEU A 551 -7.25 6.30 -0.23
N MET A 552 -5.92 6.54 -0.19
CA MET A 552 -4.98 5.67 -0.87
C MET A 552 -5.14 4.22 -0.42
N CYS A 553 -5.37 3.99 0.88
CA CYS A 553 -5.61 2.64 1.40
C CYS A 553 -6.96 2.07 0.99
N GLY A 554 -7.83 2.85 0.35
CA GLY A 554 -9.10 2.34 -0.13
C GLY A 554 -10.30 2.57 0.75
N LEU A 555 -10.17 3.39 1.80
CA LEU A 555 -11.35 3.74 2.57
C LEU A 555 -12.10 4.88 1.88
N LEU A 556 -13.38 5.03 2.22
CA LEU A 556 -14.22 6.00 1.56
C LEU A 556 -14.89 6.93 2.58
N PRO A 557 -15.02 8.21 2.27
CA PRO A 557 -15.90 9.05 3.09
C PRO A 557 -17.31 8.49 3.08
N ALA A 558 -17.88 8.29 4.27
CA ALA A 558 -19.29 7.94 4.39
C ALA A 558 -20.17 9.16 4.63
N VAL A 559 -19.77 10.00 5.59
CA VAL A 559 -20.44 11.25 5.90
C VAL A 559 -19.34 12.26 6.24
N GLU A 560 -19.67 13.54 6.20
CA GLU A 560 -18.71 14.58 6.52
C GLU A 560 -19.28 15.53 7.55
N GLU A 561 -18.38 16.16 8.32
CA GLU A 561 -18.77 17.20 9.28
C GLU A 561 -19.10 18.50 8.56
N TYR A 562 -20.37 18.89 8.58
CA TYR A 562 -20.82 20.15 8.00
C TYR A 562 -20.70 21.26 9.05
N PRO A 563 -19.89 22.30 8.83
CA PRO A 563 -19.59 23.27 9.89
C PRO A 563 -20.24 24.64 9.74
N ASN A 564 -21.21 24.79 8.85
CA ASN A 564 -21.73 26.11 8.47
C ASN A 564 -22.79 26.57 9.48
N LYS A 565 -22.38 27.43 10.41
CA LYS A 565 -23.31 27.94 11.41
C LYS A 565 -24.40 28.82 10.81
N ASP A 566 -24.19 29.34 9.60
CA ASP A 566 -25.16 30.29 9.03
C ASP A 566 -26.36 29.58 8.44
N ASP A 567 -26.13 28.51 7.68
CA ASP A 567 -27.20 27.76 7.03
C ASP A 567 -27.31 26.40 7.71
N PHE A 568 -28.47 26.16 8.34
CA PHE A 568 -28.80 24.87 8.93
C PHE A 568 -29.75 24.09 8.06
N HIS A 569 -30.05 24.59 6.86
CA HIS A 569 -30.98 23.90 5.98
C HIS A 569 -30.53 22.50 5.61
N PRO A 570 -29.28 22.28 5.16
CA PRO A 570 -28.84 20.90 4.86
C PRO A 570 -29.01 19.95 6.03
N CYS A 571 -29.06 20.46 7.26
CA CYS A 571 -29.20 19.59 8.42
C CYS A 571 -30.66 19.22 8.67
N GLN A 572 -31.56 20.22 8.71
CA GLN A 572 -32.98 19.93 8.91
C GLN A 572 -33.51 19.00 7.82
N ILE A 573 -33.27 19.34 6.57
CA ILE A 573 -33.75 18.56 5.43
C ILE A 573 -32.59 17.78 4.82
N PRO A 574 -32.28 16.58 5.32
CA PRO A 574 -31.19 15.81 4.73
C PRO A 574 -31.38 15.62 3.23
N GLY A 575 -30.25 15.54 2.52
CA GLY A 575 -30.25 15.41 1.08
C GLY A 575 -30.38 16.71 0.31
N SER A 576 -30.91 17.76 0.94
CA SER A 576 -31.11 19.00 0.22
C SER A 576 -29.78 19.58 -0.22
N THR A 577 -29.85 20.62 -1.04
CA THR A 577 -28.66 21.23 -1.64
C THR A 577 -27.96 22.14 -0.64
N ILE A 578 -26.62 22.11 -0.67
CA ILE A 578 -25.79 22.89 0.24
C ILE A 578 -25.28 24.11 -0.53
N LYS A 579 -25.74 25.30 -0.15
CA LYS A 579 -25.26 26.52 -0.78
C LYS A 579 -23.76 26.68 -0.56
N ASP A 580 -23.33 26.70 0.70
CA ASP A 580 -21.94 26.91 1.08
C ASP A 580 -21.57 25.90 2.15
N PHE A 581 -20.57 25.05 1.88
CA PHE A 581 -20.19 24.06 2.88
C PHE A 581 -19.60 24.72 4.12
N GLY A 582 -19.02 25.90 3.98
CA GLY A 582 -18.62 26.65 5.14
C GLY A 582 -17.25 26.36 5.68
N THR A 583 -16.47 25.50 5.01
CA THR A 583 -15.11 25.27 5.45
C THR A 583 -14.30 26.56 5.30
N LYS A 584 -13.15 26.59 5.97
CA LYS A 584 -12.24 27.70 5.79
C LYS A 584 -11.74 27.77 4.34
N ARG A 585 -11.26 28.96 3.96
CA ARG A 585 -10.57 29.18 2.69
C ARG A 585 -9.23 29.82 3.00
N ALA A 586 -8.14 29.14 2.66
CA ALA A 586 -6.84 29.79 2.75
C ALA A 586 -6.80 30.94 1.75
N VAL A 587 -6.31 32.10 2.21
CA VAL A 587 -6.21 33.29 1.36
C VAL A 587 -4.85 33.93 1.57
N ALA A 588 -4.45 34.76 0.61
CA ALA A 588 -3.30 35.63 0.74
C ALA A 588 -3.81 37.04 1.05
N LEU A 589 -3.58 37.50 2.28
CA LEU A 589 -4.07 38.78 2.76
C LEU A 589 -2.98 39.83 2.61
N VAL A 590 -3.32 40.93 1.93
CA VAL A 590 -2.41 42.06 1.74
C VAL A 590 -3.18 43.35 1.94
N LYS A 591 -2.43 44.44 2.13
CA LYS A 591 -3.02 45.76 2.31
C LYS A 591 -3.43 46.38 0.98
N LYS A 592 -4.50 47.18 1.01
CA LYS A 592 -4.91 47.92 -0.18
C LYS A 592 -3.83 48.88 -0.65
N SER A 593 -3.04 49.41 0.30
CA SER A 593 -2.01 50.38 -0.02
C SER A 593 -0.84 49.76 -0.78
N ASN A 594 -0.56 48.48 -0.56
CA ASN A 594 0.53 47.78 -1.25
C ASN A 594 0.02 47.34 -2.61
N LYS A 595 -0.01 48.29 -3.56
CA LYS A 595 -0.59 48.06 -4.88
C LYS A 595 0.33 47.27 -5.81
N ASP A 596 1.60 47.09 -5.45
CA ASP A 596 2.57 46.45 -6.33
C ASP A 596 2.69 44.95 -6.12
N ILE A 597 2.09 44.40 -5.08
CA ILE A 597 2.22 42.98 -4.75
C ILE A 597 1.06 42.22 -5.38
N LYS A 598 1.39 41.31 -6.29
CA LYS A 598 0.45 40.33 -6.83
C LYS A 598 0.93 38.94 -6.43
N TRP A 599 0.11 37.93 -6.76
CA TRP A 599 0.51 36.56 -6.43
C TRP A 599 1.85 36.21 -7.06
N ASN A 600 2.02 36.54 -8.36
CA ASN A 600 3.16 36.03 -9.12
C ASN A 600 4.50 36.62 -8.68
N ASN A 601 4.51 37.70 -7.90
CA ASN A 601 5.78 38.30 -7.51
C ASN A 601 6.06 38.17 -6.01
N LEU A 602 5.34 37.30 -5.31
CA LEU A 602 5.53 37.12 -3.88
C LEU A 602 6.95 36.72 -3.52
N LYS A 603 7.76 36.28 -4.48
CA LYS A 603 9.10 35.82 -4.15
C LYS A 603 9.92 36.96 -3.55
N GLY A 604 10.60 36.67 -2.44
CA GLY A 604 11.41 37.65 -1.75
C GLY A 604 10.66 38.47 -0.72
N LYS A 605 9.39 38.77 -0.95
CA LYS A 605 8.61 39.62 -0.06
C LYS A 605 8.57 39.04 1.35
N LYS A 606 7.95 39.80 2.27
CA LYS A 606 7.85 39.45 3.68
C LYS A 606 6.46 38.89 3.98
N SER A 607 6.42 37.70 4.57
CA SER A 607 5.17 36.95 4.72
C SER A 607 4.94 36.57 6.17
N CYS A 608 3.68 36.38 6.50
CA CYS A 608 3.24 36.01 7.86
C CYS A 608 2.44 34.72 7.76
N HIS A 609 2.90 33.69 8.47
CA HIS A 609 2.22 32.41 8.52
C HIS A 609 1.71 32.17 9.93
N THR A 610 0.45 31.73 10.05
CA THR A 610 -0.11 31.38 11.35
C THR A 610 0.82 30.48 12.14
N HIS A 611 1.32 29.42 11.52
CA HIS A 611 2.42 28.62 12.06
C HIS A 611 2.73 27.49 11.10
N VAL A 612 3.96 26.96 11.23
CA VAL A 612 4.33 25.79 10.45
C VAL A 612 3.33 24.67 10.71
N GLY A 613 2.90 24.00 9.64
CA GLY A 613 2.02 22.86 9.73
C GLY A 613 0.53 23.17 9.65
N ASP A 614 0.14 24.40 9.90
CA ASP A 614 -1.26 24.78 9.71
C ASP A 614 -1.61 24.66 8.23
N ILE A 615 -2.79 24.12 7.94
CA ILE A 615 -3.17 23.87 6.56
C ILE A 615 -3.36 25.19 5.83
N PRO A 616 -4.28 26.07 6.25
CA PRO A 616 -4.47 27.32 5.51
C PRO A 616 -3.28 28.27 5.57
N GLY A 617 -2.55 28.32 6.68
CA GLY A 617 -1.44 29.24 6.77
C GLY A 617 -0.08 28.74 6.30
N TRP A 618 0.05 27.44 6.02
CA TRP A 618 1.37 26.90 5.69
C TRP A 618 1.32 25.81 4.61
N VAL A 619 0.52 24.76 4.82
CA VAL A 619 0.55 23.62 3.92
C VAL A 619 0.06 24.03 2.52
N ILE A 620 -1.09 24.72 2.45
CA ILE A 620 -1.58 25.22 1.17
C ILE A 620 -0.61 26.21 0.54
N PRO A 621 -0.14 27.24 1.23
CA PRO A 621 0.86 28.13 0.61
C PRO A 621 2.15 27.41 0.24
N ALA A 622 2.65 26.52 1.10
CA ALA A 622 3.88 25.80 0.78
C ALA A 622 3.68 24.86 -0.40
N GLY A 623 2.47 24.30 -0.54
CA GLY A 623 2.21 23.42 -1.67
C GLY A 623 2.21 24.15 -3.00
N LEU A 624 1.60 25.34 -3.05
CA LEU A 624 1.59 26.09 -4.30
C LEU A 624 2.98 26.59 -4.65
N ILE A 625 3.74 27.06 -3.67
CA ILE A 625 5.05 27.63 -3.96
C ILE A 625 6.00 26.56 -4.50
N SER A 626 5.93 25.34 -3.96
CA SER A 626 6.77 24.27 -4.47
C SER A 626 6.29 23.81 -5.85
N ASN A 627 4.97 23.76 -6.06
CA ASN A 627 4.41 23.37 -7.36
C ASN A 627 4.90 24.28 -8.47
N GLN A 628 5.10 25.56 -8.16
CA GLN A 628 5.42 26.57 -9.17
C GLN A 628 6.88 26.95 -9.19
N ASN A 629 7.71 26.38 -8.32
CA ASN A 629 9.10 26.82 -8.18
C ASN A 629 10.04 25.65 -7.93
N ASP A 630 9.71 24.46 -8.45
CA ASP A 630 10.63 23.31 -8.44
C ASP A 630 10.98 22.88 -7.02
N ASN A 631 9.99 22.95 -6.12
CA ASN A 631 10.15 22.52 -4.74
C ASN A 631 11.24 23.31 -4.03
N ILE A 632 11.36 24.60 -4.35
CA ILE A 632 12.28 25.46 -3.62
C ILE A 632 11.67 25.78 -2.27
N ASP A 633 12.51 25.76 -1.24
CA ASP A 633 12.01 25.84 0.13
C ASP A 633 11.20 27.10 0.33
N ILE A 634 10.04 26.95 0.95
CA ILE A 634 9.28 28.13 1.34
C ILE A 634 10.11 29.02 2.26
N GLU A 635 11.12 28.46 2.91
CA GLU A 635 12.06 29.28 3.66
C GLU A 635 12.84 30.21 2.73
N SER A 636 13.42 29.66 1.67
CA SER A 636 14.20 30.46 0.73
C SER A 636 13.33 31.30 -0.20
N PHE A 637 12.05 30.96 -0.35
CA PHE A 637 11.19 31.70 -1.28
C PHE A 637 10.99 33.14 -0.82
N PHE A 638 10.70 33.33 0.47
CA PHE A 638 10.42 34.64 1.01
C PHE A 638 11.69 35.30 1.55
N GLY A 639 11.66 36.62 1.60
CA GLY A 639 12.77 37.37 2.16
C GLY A 639 12.82 37.24 3.67
N GLU A 640 11.84 37.85 4.34
CA GLU A 640 11.73 37.80 5.78
C GLU A 640 10.28 37.52 6.14
N SER A 641 10.06 36.50 6.96
CA SER A 641 8.71 36.10 7.31
C SER A 641 8.67 35.74 8.79
N CYS A 642 7.45 35.68 9.32
CA CYS A 642 7.19 35.10 10.62
C CYS A 642 6.33 33.87 10.42
N ALA A 643 6.85 32.72 10.83
CA ALA A 643 6.13 31.44 10.78
C ALA A 643 6.53 30.65 12.00
N PRO A 644 5.75 30.75 13.09
CA PRO A 644 6.11 30.08 14.34
C PRO A 644 6.25 28.58 14.14
N GLY A 645 7.30 28.02 14.74
CA GLY A 645 7.64 26.62 14.56
C GLY A 645 8.88 26.40 13.71
N SER A 646 9.36 27.43 13.01
CA SER A 646 10.61 27.36 12.29
C SER A 646 11.78 27.53 13.25
N ASP A 647 12.99 27.54 12.71
CA ASP A 647 14.20 27.69 13.50
C ASP A 647 14.42 29.16 13.86
N THR A 648 14.77 29.43 15.12
CA THR A 648 14.90 30.80 15.60
C THR A 648 15.89 31.62 14.77
N ASN A 649 16.77 30.96 14.02
CA ASN A 649 17.84 31.63 13.26
C ASN A 649 17.51 31.77 11.78
N SER A 650 16.33 31.36 11.34
CA SER A 650 15.99 31.39 9.92
C SER A 650 15.29 32.70 9.55
N LYS A 651 15.23 32.95 8.24
CA LYS A 651 14.50 34.12 7.73
C LYS A 651 13.01 34.03 8.03
N LEU A 652 12.52 32.84 8.37
CA LEU A 652 11.12 32.64 8.72
C LEU A 652 10.79 33.02 10.16
N CYS A 653 11.79 33.49 10.92
CA CYS A 653 11.56 34.01 12.26
C CYS A 653 12.01 35.46 12.44
N LYS A 654 12.66 36.04 11.44
CA LYS A 654 13.16 37.41 11.57
C LYS A 654 12.04 38.38 11.91
N LEU A 655 10.87 38.20 11.30
CA LEU A 655 9.74 39.07 11.60
C LEU A 655 9.10 38.77 12.94
N CYS A 656 9.40 37.62 13.56
CA CYS A 656 8.69 37.17 14.76
C CYS A 656 9.16 37.96 15.98
N ILE A 657 8.23 38.70 16.58
CA ILE A 657 8.53 39.49 17.77
C ILE A 657 8.86 38.58 18.95
N GLY A 658 7.88 37.79 19.39
CA GLY A 658 8.04 37.00 20.59
C GLY A 658 7.12 37.53 21.66
N ASP A 659 7.49 37.36 22.92
CA ASP A 659 6.65 37.82 24.02
C ASP A 659 6.84 39.32 24.23
N PRO A 660 5.77 40.13 24.23
CA PRO A 660 5.92 41.55 24.58
C PRO A 660 6.34 41.77 26.03
N GLU A 661 6.31 40.74 26.87
CA GLU A 661 6.86 40.80 28.22
C GLU A 661 8.21 40.08 28.29
N ASN A 662 9.08 40.34 27.29
CA ASN A 662 10.40 39.70 27.11
C ASN A 662 10.90 38.91 28.31
N PRO A 663 11.16 37.60 28.18
CA PRO A 663 11.70 36.80 29.28
C PRO A 663 13.19 37.03 29.50
N SER A 666 13.63 32.53 24.79
CA SER A 666 13.13 33.91 24.81
C SER A 666 11.67 33.98 24.37
N THR A 667 11.15 32.86 23.85
CA THR A 667 9.76 32.73 23.42
C THR A 667 9.47 33.46 22.11
N ARG A 668 10.45 33.53 21.22
CA ARG A 668 10.27 34.06 19.87
C ARG A 668 10.19 32.91 18.88
N CYS A 669 9.32 33.05 17.89
CA CYS A 669 9.06 31.98 16.93
C CYS A 669 8.58 30.70 17.61
N SER A 670 8.02 30.83 18.81
CA SER A 670 7.52 29.69 19.56
C SER A 670 6.07 29.39 19.18
N LEU A 671 5.67 28.15 19.44
CA LEU A 671 4.34 27.66 19.06
C LEU A 671 3.29 27.86 20.14
N SER A 672 3.32 29.00 20.82
CA SER A 672 2.37 29.32 21.88
C SER A 672 1.87 30.75 21.67
N ASP A 673 0.99 31.19 22.57
CA ASP A 673 0.59 32.58 22.58
C ASP A 673 1.74 33.50 23.00
N LYS A 674 2.81 32.94 23.56
CA LYS A 674 4.01 33.72 23.87
C LYS A 674 4.54 34.47 22.64
N GLU A 675 4.29 33.93 21.44
CA GLU A 675 4.64 34.62 20.21
C GLU A 675 3.47 35.50 19.78
N ALA A 676 3.73 36.80 19.62
CA ALA A 676 2.67 37.75 19.31
C ALA A 676 2.11 37.55 17.91
N TYR A 677 2.83 36.85 17.03
CA TYR A 677 2.42 36.69 15.64
C TYR A 677 1.92 35.27 15.35
N TYR A 678 1.56 34.52 16.38
CA TYR A 678 1.08 33.15 16.26
C TYR A 678 -0.43 33.12 16.08
N GLY A 679 -0.92 32.08 15.38
CA GLY A 679 -2.34 31.89 15.18
C GLY A 679 -2.94 32.78 14.09
N ASN A 680 -4.27 32.71 13.99
CA ASN A 680 -4.99 33.47 12.97
C ASN A 680 -4.87 34.97 13.20
N GLU A 681 -5.19 35.43 14.40
CA GLU A 681 -4.98 36.83 14.76
C GLU A 681 -3.51 37.20 14.62
N GLY A 682 -2.61 36.34 15.13
CA GLY A 682 -1.19 36.68 15.17
C GLY A 682 -0.59 36.92 13.80
N ALA A 683 -0.96 36.10 12.82
CA ALA A 683 -0.52 36.36 11.45
C ALA A 683 -1.07 37.69 10.95
N PHE A 684 -2.31 38.03 11.34
CA PHE A 684 -2.89 39.31 10.95
C PHE A 684 -2.05 40.47 11.50
N ARG A 685 -1.77 40.45 12.81
CA ARG A 685 -0.91 41.47 13.40
C ARG A 685 0.36 41.63 12.59
N CYS A 686 1.09 40.53 12.41
CA CYS A 686 2.33 40.55 11.63
C CYS A 686 2.15 41.31 10.32
N LEU A 687 1.03 41.11 9.64
CA LEU A 687 0.80 41.80 8.37
C LEU A 687 0.76 43.31 8.57
N VAL A 688 -0.20 43.79 9.38
CA VAL A 688 -0.41 45.23 9.54
C VAL A 688 0.83 45.90 10.10
N GLU A 689 1.57 45.21 10.97
CA GLU A 689 2.74 45.83 11.59
C GLU A 689 3.94 45.87 10.64
N LYS A 690 4.32 44.71 10.08
CA LYS A 690 5.60 44.61 9.37
C LYS A 690 5.57 43.44 8.38
N GLY A 691 4.73 43.51 7.36
CA GLY A 691 4.66 42.40 6.42
C GLY A 691 3.84 42.66 5.18
N ASP A 692 4.28 42.12 4.04
CA ASP A 692 3.58 42.35 2.78
C ASP A 692 2.36 41.43 2.63
N VAL A 693 2.46 40.19 3.11
CA VAL A 693 1.41 39.20 2.89
C VAL A 693 1.31 38.30 4.11
N ALA A 694 0.08 37.95 4.47
CA ALA A 694 -0.18 36.97 5.51
C ALA A 694 -1.06 35.86 4.95
N PHE A 695 -0.73 34.62 5.29
CA PHE A 695 -1.49 33.45 4.87
C PHE A 695 -2.35 32.98 6.04
N VAL A 696 -3.66 33.02 5.87
CA VAL A 696 -4.61 32.85 6.96
C VAL A 696 -5.92 32.36 6.41
N PRO A 697 -6.82 31.84 7.23
CA PRO A 697 -8.18 31.57 6.75
C PRO A 697 -8.86 32.89 6.42
N HIS A 698 -9.90 32.79 5.60
CA HIS A 698 -10.58 33.99 5.12
C HIS A 698 -11.28 34.76 6.22
N THR A 699 -11.45 34.17 7.40
CA THR A 699 -12.22 34.78 8.47
C THR A 699 -11.41 35.70 9.36
N VAL A 700 -10.07 35.62 9.30
CA VAL A 700 -9.24 36.35 10.25
C VAL A 700 -9.38 37.86 10.06
N VAL A 701 -9.49 38.31 8.81
CA VAL A 701 -9.62 39.74 8.55
C VAL A 701 -10.89 40.29 9.17
N PHE A 702 -12.04 39.72 8.78
CA PHE A 702 -13.32 40.21 9.30
C PHE A 702 -13.36 40.19 10.82
N ALA A 703 -12.80 39.15 11.44
CA ALA A 703 -12.84 39.00 12.88
C ALA A 703 -11.84 39.90 13.61
N ASN A 704 -11.15 40.79 12.91
CA ASN A 704 -10.16 41.67 13.55
C ASN A 704 -10.10 43.05 12.92
N THR A 705 -11.00 43.39 12.01
CA THR A 705 -11.20 44.74 11.52
C THR A 705 -12.58 45.21 11.95
N ASP A 706 -13.03 46.33 11.38
CA ASP A 706 -14.30 46.93 11.76
C ASP A 706 -14.40 47.04 13.28
N GLY A 707 -13.27 47.32 13.92
CA GLY A 707 -13.16 47.46 15.35
C GLY A 707 -13.60 46.26 16.15
N LYS A 708 -13.74 45.10 15.48
CA LYS A 708 -14.20 43.90 16.17
C LYS A 708 -13.17 43.38 17.16
N ASN A 709 -11.92 43.82 17.08
CA ASN A 709 -10.95 43.51 18.11
C ASN A 709 -10.66 44.77 18.91
N PRO A 710 -10.86 44.76 20.24
CA PRO A 710 -10.72 46.00 21.01
C PRO A 710 -9.28 46.45 21.19
N ALA A 711 -8.31 45.54 21.11
CA ALA A 711 -6.91 45.92 21.27
C ALA A 711 -6.57 47.06 20.32
N GLU A 712 -5.51 47.81 20.67
CA GLU A 712 -5.23 49.07 19.98
C GLU A 712 -4.79 48.83 18.54
N TRP A 713 -3.88 47.88 18.32
CA TRP A 713 -3.32 47.67 16.99
C TRP A 713 -4.40 47.56 15.93
N ALA A 714 -5.52 46.91 16.25
CA ALA A 714 -6.69 46.89 15.37
C ALA A 714 -7.76 47.85 15.90
N LYS A 715 -7.34 49.09 16.12
CA LYS A 715 -8.24 50.14 16.59
C LYS A 715 -9.21 50.51 15.47
N ASP A 716 -10.35 49.84 15.41
CA ASP A 716 -11.32 50.07 14.34
C ASP A 716 -10.66 49.94 12.97
N LEU A 717 -9.68 49.06 12.86
CA LEU A 717 -9.10 48.74 11.56
C LEU A 717 -10.19 48.32 10.59
N LYS A 718 -10.13 48.82 9.36
CA LYS A 718 -11.24 48.64 8.44
C LYS A 718 -11.05 47.41 7.55
N SER A 719 -12.14 46.70 7.31
CA SER A 719 -12.07 45.51 6.46
C SER A 719 -11.81 45.87 5.01
N GLU A 720 -12.29 47.03 4.57
CA GLU A 720 -12.08 47.49 3.21
C GLU A 720 -10.65 47.96 2.96
N ASP A 721 -9.81 47.97 4.00
CA ASP A 721 -8.40 48.33 3.87
C ASP A 721 -7.53 47.17 3.36
N PHE A 722 -8.10 45.98 3.21
CA PHE A 722 -7.35 44.80 2.82
C PHE A 722 -7.99 44.14 1.62
N GLU A 723 -7.15 43.46 0.83
CA GLU A 723 -7.61 42.62 -0.27
C GLU A 723 -6.84 41.30 -0.25
N ILE A 724 -7.32 40.36 -1.05
CA ILE A 724 -6.75 39.02 -1.12
C ILE A 724 -6.26 38.76 -2.53
N LEU A 725 -5.09 38.13 -2.64
CA LEU A 725 -4.47 37.85 -3.94
C LEU A 725 -5.10 36.62 -4.58
N CYS A 726 -5.44 36.73 -5.86
CA CYS A 726 -5.86 35.59 -6.66
C CYS A 726 -4.68 35.01 -7.43
N LEU A 727 -4.82 33.74 -7.79
CA LEU A 727 -3.72 33.01 -8.40
C LEU A 727 -3.39 33.52 -9.79
N ASP A 728 -4.31 34.23 -10.43
CA ASP A 728 -4.12 34.75 -11.79
C ASP A 728 -3.46 36.12 -11.82
N GLY A 729 -2.79 36.50 -10.73
CA GLY A 729 -2.18 37.81 -10.63
C GLY A 729 -3.13 38.93 -10.25
N SER A 730 -4.43 38.73 -10.41
CA SER A 730 -5.42 39.75 -10.04
C SER A 730 -5.60 39.82 -8.53
N ARG A 731 -6.51 40.68 -8.10
CA ARG A 731 -6.85 40.87 -6.68
C ARG A 731 -8.37 41.00 -6.56
N ALA A 732 -8.86 41.04 -5.33
CA ALA A 732 -10.28 41.21 -5.06
C ALA A 732 -10.47 41.58 -3.59
N PRO A 733 -11.60 42.19 -3.25
CA PRO A 733 -11.86 42.54 -1.85
C PRO A 733 -12.07 41.28 -1.01
N VAL A 734 -11.68 41.36 0.26
CA VAL A 734 -11.66 40.21 1.16
C VAL A 734 -12.99 39.46 1.15
N THR A 735 -14.07 40.13 0.72
CA THR A 735 -15.39 39.51 0.76
C THR A 735 -15.57 38.43 -0.32
N ASN A 736 -14.84 38.52 -1.43
CA ASN A 736 -14.96 37.52 -2.49
C ASN A 736 -14.01 36.34 -2.30
N TYR A 737 -13.81 35.89 -1.06
CA TYR A 737 -12.89 34.78 -0.81
C TYR A 737 -13.31 33.50 -1.52
N ARG A 738 -14.60 33.35 -1.84
CA ARG A 738 -15.06 32.14 -2.53
C ARG A 738 -14.50 32.01 -3.94
N GLY A 739 -14.11 33.11 -4.57
CA GLY A 739 -13.60 33.05 -5.93
C GLY A 739 -12.15 33.49 -6.05
N CYS A 740 -11.57 33.99 -4.96
CA CYS A 740 -10.19 34.49 -4.94
C CYS A 740 -9.49 33.95 -3.69
N ASN A 741 -9.21 32.64 -3.69
CA ASN A 741 -8.52 31.99 -2.59
C ASN A 741 -7.38 31.13 -3.13
N LEU A 742 -6.43 30.81 -2.24
CA LEU A 742 -5.43 29.80 -2.56
C LEU A 742 -6.07 28.42 -2.63
N SER A 743 -6.85 28.04 -1.63
CA SER A 743 -7.69 26.85 -1.73
C SER A 743 -8.65 26.78 -0.55
N GLY A 744 -9.85 26.26 -0.82
CA GLY A 744 -10.74 25.89 0.27
C GLY A 744 -10.40 24.50 0.81
N LEU A 745 -10.49 24.36 2.13
CA LEU A 745 -10.29 23.04 2.72
C LEU A 745 -11.52 22.17 2.51
N PRO A 746 -11.35 20.86 2.37
CA PRO A 746 -12.48 19.95 2.43
C PRO A 746 -12.92 19.78 3.87
N PRO A 747 -14.16 19.35 4.10
CA PRO A 747 -14.58 19.07 5.48
C PRO A 747 -13.93 17.80 5.98
N ARG A 748 -13.93 17.66 7.30
CA ARG A 748 -13.56 16.39 7.90
C ARG A 748 -14.57 15.32 7.50
N ALA A 749 -14.10 14.07 7.43
CA ALA A 749 -14.91 12.98 6.94
C ALA A 749 -14.87 11.81 7.91
N ILE A 750 -15.98 11.10 7.96
CA ILE A 750 -16.09 9.81 8.64
C ILE A 750 -15.83 8.75 7.58
N VAL A 751 -14.73 8.00 7.71
CA VAL A 751 -14.32 7.04 6.69
C VAL A 751 -14.63 5.64 7.16
N THR A 752 -14.92 4.75 6.20
CA THR A 752 -15.14 3.34 6.49
C THR A 752 -14.70 2.50 5.29
N ARG A 753 -14.84 1.18 5.42
CA ARG A 753 -14.66 0.29 4.28
C ARG A 753 -15.75 0.56 3.24
N GLU A 754 -15.41 0.31 1.97
CA GLU A 754 -16.36 0.58 0.90
C GLU A 754 -17.66 -0.19 1.10
N GLU A 755 -17.57 -1.49 1.39
CA GLU A 755 -18.78 -2.28 1.53
C GLU A 755 -19.60 -1.89 2.75
N SER A 756 -19.10 -1.00 3.60
CA SER A 756 -19.80 -0.59 4.82
C SER A 756 -20.32 0.83 4.76
N VAL A 757 -20.13 1.54 3.65
CA VAL A 757 -20.58 2.93 3.55
C VAL A 757 -22.10 3.01 3.78
N SER A 758 -22.85 2.12 3.15
CA SER A 758 -24.31 2.19 3.26
C SER A 758 -24.75 2.00 4.71
N ASP A 759 -24.22 0.97 5.38
CA ASP A 759 -24.58 0.70 6.77
C ASP A 759 -24.23 1.87 7.68
N VAL A 760 -23.00 2.36 7.61
CA VAL A 760 -22.55 3.45 8.48
C VAL A 760 -23.43 4.68 8.28
N VAL A 761 -23.68 5.06 7.02
CA VAL A 761 -24.54 6.22 6.76
C VAL A 761 -25.90 6.01 7.41
N ARG A 762 -26.49 4.83 7.23
CA ARG A 762 -27.82 4.59 7.76
C ARG A 762 -27.83 4.70 9.29
N ILE A 763 -26.84 4.08 9.94
CA ILE A 763 -26.79 4.09 11.40
C ILE A 763 -26.50 5.49 11.92
N LEU A 764 -25.59 6.23 11.26
CA LEU A 764 -25.26 7.56 11.75
C LEU A 764 -26.41 8.53 11.57
N ILE A 765 -27.08 8.50 10.41
CA ILE A 765 -28.18 9.42 10.21
C ILE A 765 -29.27 9.18 11.25
N ASN A 766 -29.51 7.92 11.58
CA ASN A 766 -30.49 7.62 12.62
C ASN A 766 -30.02 8.16 13.98
N GLN A 767 -28.80 7.80 14.39
CA GLN A 767 -28.26 8.33 15.63
C GLN A 767 -28.33 9.85 15.67
N GLN A 768 -28.05 10.51 14.55
CA GLN A 768 -28.09 11.96 14.50
C GLN A 768 -29.51 12.51 14.68
N SER A 769 -30.52 11.76 14.25
CA SER A 769 -31.88 12.22 14.46
C SER A 769 -32.27 12.15 15.93
N LEU A 770 -31.60 11.32 16.71
CA LEU A 770 -31.83 11.20 18.14
C LEU A 770 -30.92 12.11 18.96
N TYR A 771 -29.64 12.20 18.60
CA TYR A 771 -28.68 12.87 19.47
C TYR A 771 -27.91 13.99 18.79
N GLY A 772 -28.34 14.44 17.62
CA GLY A 772 -27.78 15.62 16.99
C GLY A 772 -28.30 16.90 17.64
N ARG A 773 -27.94 18.03 17.04
CA ARG A 773 -28.30 19.32 17.62
C ARG A 773 -29.81 19.51 17.74
N ASN A 774 -30.58 18.88 16.86
CA ASN A 774 -32.04 18.90 16.95
C ASN A 774 -32.60 17.51 17.24
N GLY A 775 -31.78 16.62 17.81
CA GLY A 775 -32.23 15.26 18.04
C GLY A 775 -33.46 15.20 18.92
N PHE A 776 -34.29 14.19 18.67
CA PHE A 776 -35.49 14.02 19.48
C PHE A 776 -35.16 13.67 20.93
N GLU A 777 -33.99 13.08 21.17
CA GLU A 777 -33.57 12.66 22.50
C GLU A 777 -32.29 13.38 22.93
N LYS A 778 -32.11 14.63 22.50
CA LYS A 778 -30.85 15.29 22.79
C LYS A 778 -30.60 15.40 24.29
N ASP A 779 -31.63 15.19 25.12
CA ASP A 779 -31.43 15.15 26.55
C ASP A 779 -30.71 13.87 26.98
N MET A 780 -30.85 12.79 26.22
CA MET A 780 -30.18 11.54 26.58
C MET A 780 -28.70 11.54 26.24
N PHE A 781 -28.31 12.27 25.18
CA PHE A 781 -26.94 12.25 24.72
C PHE A 781 -26.76 13.29 23.61
N GLN A 782 -25.62 13.98 23.63
CA GLN A 782 -25.26 14.97 22.60
C GLN A 782 -24.03 14.49 21.83
N MET A 783 -24.20 14.18 20.55
CA MET A 783 -23.07 13.71 19.73
C MET A 783 -21.97 14.75 19.64
N PHE A 784 -22.33 16.03 19.55
CA PHE A 784 -21.36 17.06 19.18
C PHE A 784 -20.90 17.91 20.37
N SER A 785 -20.97 17.40 21.59
CA SER A 785 -20.30 18.04 22.71
C SER A 785 -19.97 16.97 23.75
N SER A 786 -19.14 17.34 24.71
CA SER A 786 -18.94 16.47 25.87
C SER A 786 -18.35 17.26 27.03
N ALA A 787 -18.65 16.78 28.24
CA ALA A 787 -17.97 17.27 29.44
C ALA A 787 -16.61 16.62 29.62
N LYS A 788 -16.37 15.46 29.02
CA LYS A 788 -15.11 14.77 29.18
C LYS A 788 -13.97 15.44 28.43
N GLY A 789 -14.25 16.43 27.59
CA GLY A 789 -13.22 17.11 26.83
C GLY A 789 -13.78 17.75 25.58
N GLN A 790 -12.87 18.33 24.81
CA GLN A 790 -13.20 19.09 23.60
C GLN A 790 -12.98 18.25 22.34
N ASN A 791 -13.96 18.29 21.44
CA ASN A 791 -13.86 17.65 20.12
C ASN A 791 -13.61 16.15 20.22
N LEU A 792 -14.39 15.48 21.05
CA LEU A 792 -14.26 14.04 21.21
C LEU A 792 -15.14 13.37 20.17
N LEU A 793 -14.52 12.54 19.31
CA LEU A 793 -15.20 11.77 18.28
C LEU A 793 -15.55 12.65 17.08
N PHE A 794 -16.24 13.75 17.34
CA PHE A 794 -16.56 14.75 16.34
C PHE A 794 -16.06 16.11 16.83
N ASN A 795 -15.95 17.05 15.90
CA ASN A 795 -15.61 18.41 16.26
C ASN A 795 -16.83 19.09 16.89
N ASP A 796 -16.61 19.84 17.97
CA ASP A 796 -17.74 20.34 18.76
C ASP A 796 -18.57 21.35 17.98
N GLU A 797 -17.96 22.08 17.04
CA GLU A 797 -18.68 23.07 16.22
C GLU A 797 -19.38 22.43 15.01
N THR A 798 -19.43 21.11 14.94
CA THR A 798 -20.12 20.45 13.83
C THR A 798 -21.61 20.75 13.90
N GLN A 799 -22.19 21.16 12.78
CA GLN A 799 -23.63 21.37 12.72
C GLN A 799 -24.37 20.05 12.58
N CYS A 800 -23.92 19.21 11.67
CA CYS A 800 -24.47 17.86 11.52
C CYS A 800 -23.54 17.10 10.58
N LEU A 801 -23.84 15.82 10.41
CA LEU A 801 -23.11 14.97 9.50
C LEU A 801 -23.95 14.79 8.23
N ILE A 802 -23.35 15.07 7.08
CA ILE A 802 -24.03 15.03 5.80
C ILE A 802 -23.48 13.87 4.99
N GLU A 803 -24.37 13.16 4.31
CA GLU A 803 -23.93 12.00 3.53
C GLU A 803 -23.05 12.45 2.37
N PHE A 804 -21.92 11.79 2.18
CA PHE A 804 -20.99 12.14 1.11
C PHE A 804 -21.58 11.71 -0.23
N ASP A 805 -21.74 12.66 -1.16
CA ASP A 805 -22.30 12.38 -2.48
C ASP A 805 -21.16 11.94 -3.38
N ARG A 806 -20.98 10.63 -3.49
CA ARG A 806 -19.91 10.07 -4.31
C ARG A 806 -20.24 10.24 -5.78
N GLN A 807 -19.41 11.02 -6.50
CA GLN A 807 -19.39 11.40 -7.91
C GLN A 807 -18.55 10.42 -8.72
N PRO A 808 -18.95 10.09 -9.96
CA PRO A 808 -18.07 9.28 -10.83
C PRO A 808 -16.84 10.06 -11.24
N LYS A 809 -15.83 10.08 -10.37
CA LYS A 809 -14.54 10.68 -10.66
C LYS A 809 -13.55 10.16 -9.63
N ASP A 810 -12.30 10.64 -9.73
CA ASP A 810 -11.27 10.18 -8.79
C ASP A 810 -11.67 10.57 -7.37
N ILE A 811 -11.70 9.57 -6.48
CA ILE A 811 -12.06 9.84 -5.09
C ILE A 811 -11.20 10.95 -4.51
N MET A 812 -9.93 11.04 -4.95
CA MET A 812 -9.09 12.12 -4.44
C MET A 812 -9.65 13.47 -4.83
N GLU A 813 -9.97 13.63 -6.11
CA GLU A 813 -10.55 14.89 -6.55
C GLU A 813 -11.92 15.10 -5.92
N ASP A 814 -12.70 14.02 -5.83
CA ASP A 814 -14.04 14.11 -5.25
C ASP A 814 -13.98 14.61 -3.81
N TYR A 815 -13.22 13.93 -2.95
CA TYR A 815 -13.16 14.33 -1.56
C TYR A 815 -12.45 15.67 -1.39
N PHE A 816 -11.28 15.83 -2.03
CA PHE A 816 -10.48 17.03 -1.76
C PHE A 816 -10.97 18.26 -2.53
N GLY A 817 -11.63 18.06 -3.67
CA GLY A 817 -11.79 19.17 -4.60
C GLY A 817 -10.52 19.39 -5.41
N VAL A 818 -10.68 19.75 -6.69
CA VAL A 818 -9.52 19.83 -7.58
C VAL A 818 -8.50 20.85 -7.07
N ARG A 819 -8.96 21.96 -6.50
CA ARG A 819 -8.02 22.99 -6.07
C ARG A 819 -7.07 22.46 -5.01
N TYR A 820 -7.61 21.85 -3.97
CA TYR A 820 -6.78 21.36 -2.87
C TYR A 820 -5.92 20.20 -3.33
N TYR A 821 -6.51 19.22 -4.02
CA TYR A 821 -5.76 18.09 -4.57
C TYR A 821 -4.53 18.57 -5.32
N THR A 822 -4.69 19.57 -6.18
CA THR A 822 -3.60 20.08 -6.99
C THR A 822 -2.60 20.84 -6.14
N ALA A 823 -3.09 21.72 -5.27
CA ALA A 823 -2.18 22.63 -4.57
C ALA A 823 -1.34 21.89 -3.54
N VAL A 824 -1.88 20.85 -2.91
CA VAL A 824 -1.19 20.13 -1.84
C VAL A 824 -0.55 18.84 -2.35
N TYR A 825 -1.18 18.15 -3.30
CA TYR A 825 -0.67 16.85 -3.77
C TYR A 825 -0.33 16.81 -5.26
N SER A 826 -0.27 17.96 -5.94
CA SER A 826 -0.02 18.01 -7.39
C SER A 826 -1.01 17.13 -8.16
N ALA A 827 -2.21 16.91 -7.59
CA ALA A 827 -3.20 16.04 -8.24
C ALA A 827 -2.57 14.71 -8.63
N SER A 828 -1.75 14.17 -7.74
CA SER A 828 -1.00 12.93 -7.98
C SER A 828 -1.37 11.87 -6.94
N ARG A 829 -1.49 10.63 -7.39
CA ARG A 829 -1.68 9.51 -6.48
C ARG A 829 -0.37 8.87 -6.05
N SER A 830 0.73 9.62 -6.09
CA SER A 830 2.04 9.06 -5.83
C SER A 830 2.74 9.68 -4.63
N ALA A 831 2.15 10.69 -3.98
CA ALA A 831 2.71 11.22 -2.75
C ALA A 831 2.65 10.15 -1.65
N VAL A 832 3.62 10.22 -0.74
CA VAL A 832 3.70 9.25 0.34
C VAL A 832 3.80 9.99 1.67
N PRO A 833 2.72 10.65 2.12
CA PRO A 833 2.75 11.33 3.43
C PRO A 833 2.76 10.39 4.62
N SER A 834 2.52 9.10 4.43
CA SER A 834 2.65 8.13 5.51
C SER A 834 3.20 6.83 4.96
N GLU A 835 4.17 6.23 5.65
CA GLU A 835 4.77 4.98 5.23
C GLU A 835 3.80 3.81 5.30
N LEU A 836 2.58 4.03 5.80
CA LEU A 836 1.57 3.00 5.69
C LEU A 836 1.15 2.80 4.24
N ILE A 837 1.16 3.88 3.45
CA ILE A 837 0.65 3.80 2.06
C ILE A 837 1.30 2.68 1.25
N PRO A 838 2.63 2.58 1.16
CA PRO A 838 3.19 1.45 0.37
C PRO A 838 2.74 0.08 0.86
N ALA A 839 2.45 -0.07 2.15
CA ALA A 839 2.01 -1.37 2.64
C ALA A 839 0.53 -1.61 2.33
N CYS A 840 -0.32 -0.60 2.52
CA CYS A 840 -1.74 -0.81 2.28
C CYS A 840 -2.10 -0.77 0.79
N THR A 841 -1.21 -0.28 -0.08
CA THR A 841 -1.48 -0.37 -1.52
C THR A 841 -0.79 -1.55 -2.18
N PHE A 842 -0.06 -2.36 -1.41
CA PHE A 842 0.57 -3.56 -1.95
C PHE A 842 -0.45 -4.47 -2.64
N LYS A 843 -0.15 -4.90 -3.87
CA LYS A 843 -1.14 -5.63 -4.67
C LYS A 843 -1.12 -7.12 -4.36
N HIS A 844 -2.26 -7.78 -4.56
CA HIS A 844 -2.44 -9.14 -4.08
C HIS A 844 -2.77 -10.10 -5.22
N CYS A 845 -2.66 -11.38 -4.90
CA CYS A 845 -2.96 -12.46 -5.83
C CYS A 845 -4.21 -13.17 -5.32
N SER A 846 -5.35 -12.53 -5.50
CA SER A 846 -6.61 -12.98 -4.93
C SER A 846 -7.58 -13.40 -6.03
N ASN A 847 -8.63 -14.11 -5.62
CA ASN A 847 -9.63 -14.64 -6.52
C ASN A 847 -10.99 -14.00 -6.24
N SER A 848 -11.89 -14.15 -7.21
CA SER A 848 -13.24 -13.58 -7.09
C SER A 848 -14.23 -14.63 -6.59
#